data_1NRZ
#
_entry.id   1NRZ
#
_cell.length_a   64.848
_cell.length_b   85.311
_cell.length_c   67.815
_cell.angle_alpha   90.00
_cell.angle_beta   103.02
_cell.angle_gamma   90.00
#
_symmetry.space_group_name_H-M   'P 1 21 1'
#
loop_
_entity.id
_entity.type
_entity.pdbx_description
1 polymer 'PTS system, sorbose-specific IIB component'
2 non-polymer 'SULFATE ION'
3 water water
#
_entity_poly.entity_id   1
_entity_poly.type   'polypeptide(L)'
_entity_poly.pdbx_seq_one_letter_code
;MQITLARIDDRLIHGQVTTVWSKVANAQRIIICNDDVFNDEVRRTLLRQAAPPGMKVNVVSLEKAVAVYHNPQYQDETVF
YLFTNPHDVLTMVRQGVQIATLNIGGMAWRPGKKQLTKAVSLDPQDIQAFRELDKLGVKLDLRVVASDPSVNILDKINET
AFCE
;
_entity_poly.pdbx_strand_id   A,B,C,D
#
loop_
_chem_comp.id
_chem_comp.type
_chem_comp.name
_chem_comp.formula
SO4 non-polymer 'SULFATE ION' 'O4 S -2'
#
# COMPACT_ATOMS: atom_id res chain seq x y z
N MET A 1 -16.32 -5.19 -26.24
CA MET A 1 -17.13 -5.51 -25.02
C MET A 1 -18.15 -4.43 -24.77
N GLN A 2 -19.35 -4.84 -24.35
CA GLN A 2 -20.39 -3.92 -23.93
C GLN A 2 -20.56 -3.98 -22.41
N ILE A 3 -20.22 -2.88 -21.74
CA ILE A 3 -20.32 -2.84 -20.29
C ILE A 3 -21.73 -2.47 -19.87
N THR A 4 -22.44 -3.42 -19.27
CA THR A 4 -23.81 -3.16 -18.85
C THR A 4 -23.93 -2.71 -17.40
N LEU A 5 -22.89 -2.96 -16.60
CA LEU A 5 -22.86 -2.56 -15.20
C LEU A 5 -21.41 -2.47 -14.78
N ALA A 6 -21.03 -1.37 -14.13
CA ALA A 6 -19.70 -1.25 -13.53
C ALA A 6 -19.91 -0.83 -12.09
N ARG A 7 -19.48 -1.68 -11.17
CA ARG A 7 -19.80 -1.51 -9.76
C ARG A 7 -18.59 -1.60 -8.82
N ILE A 8 -18.44 -0.61 -7.95
CA ILE A 8 -17.48 -0.70 -6.88
C ILE A 8 -18.20 -1.38 -5.73
N ASP A 9 -17.74 -2.58 -5.40
CA ASP A 9 -18.24 -3.34 -4.26
C ASP A 9 -17.07 -4.20 -3.82
N ASP A 10 -16.42 -3.86 -2.72
CA ASP A 10 -15.22 -4.59 -2.33
C ASP A 10 -15.48 -5.95 -1.68
N ARG A 11 -16.76 -6.33 -1.53
CA ARG A 11 -17.10 -7.71 -1.17
C ARG A 11 -17.35 -8.52 -2.44
N LEU A 12 -17.21 -7.86 -3.60
CA LEU A 12 -17.24 -8.56 -4.89
C LEU A 12 -18.49 -9.40 -5.06
N ILE A 13 -18.38 -10.72 -5.18
CA ILE A 13 -19.57 -11.57 -5.30
C ILE A 13 -19.96 -12.07 -3.92
N HIS A 14 -21.13 -11.64 -3.44
CA HIS A 14 -21.55 -12.01 -2.10
C HIS A 14 -23.03 -12.32 -1.99
N GLY A 15 -23.37 -13.55 -2.38
CA GLY A 15 -24.72 -14.03 -2.20
C GLY A 15 -25.79 -13.30 -2.98
N GLN A 16 -26.99 -13.29 -2.42
CA GLN A 16 -28.18 -12.77 -3.09
C GLN A 16 -28.01 -11.38 -3.68
N VAL A 17 -27.39 -10.47 -2.93
CA VAL A 17 -27.25 -9.10 -3.43
C VAL A 17 -26.55 -9.06 -4.78
N THR A 18 -25.44 -9.77 -4.92
CA THR A 18 -24.70 -9.76 -6.17
C THR A 18 -25.50 -10.44 -7.27
N THR A 19 -26.20 -11.51 -6.89
CA THR A 19 -27.00 -12.23 -7.85
C THR A 19 -28.05 -11.33 -8.45
N VAL A 20 -28.74 -10.55 -7.59
CA VAL A 20 -29.77 -9.64 -8.05
C VAL A 20 -29.18 -8.61 -9.01
N TRP A 21 -28.03 -8.07 -8.65
CA TRP A 21 -27.36 -7.10 -9.50
C TRP A 21 -26.98 -7.74 -10.83
N SER A 22 -26.61 -9.03 -10.82
CA SER A 22 -26.18 -9.70 -12.03
C SER A 22 -27.34 -9.80 -13.01
N LYS A 23 -28.56 -9.90 -12.49
CA LYS A 23 -29.75 -9.97 -13.35
C LYS A 23 -30.12 -8.59 -13.88
N VAL A 24 -29.78 -7.53 -13.13
CA VAL A 24 -30.00 -6.17 -13.61
C VAL A 24 -29.05 -5.95 -14.78
N ALA A 25 -27.80 -6.38 -14.60
CA ALA A 25 -26.77 -6.22 -15.62
C ALA A 25 -27.04 -7.06 -16.88
N ASN A 26 -27.62 -8.25 -16.70
CA ASN A 26 -27.93 -9.13 -17.82
C ASN A 26 -26.67 -9.38 -18.66
N ALA A 27 -25.54 -9.55 -18.00
CA ALA A 27 -24.28 -9.76 -18.71
C ALA A 27 -23.91 -11.24 -18.81
N GLN A 28 -23.09 -11.54 -19.82
CA GLN A 28 -22.55 -12.88 -20.05
C GLN A 28 -21.35 -13.21 -19.17
N ARG A 29 -20.63 -12.15 -18.76
CA ARG A 29 -19.39 -12.33 -18.03
C ARG A 29 -19.28 -11.30 -16.93
N ILE A 30 -18.98 -11.76 -15.72
CA ILE A 30 -18.65 -10.88 -14.62
C ILE A 30 -17.13 -10.87 -14.54
N ILE A 31 -16.56 -9.67 -14.62
CA ILE A 31 -15.12 -9.51 -14.62
C ILE A 31 -14.67 -8.68 -13.42
N ILE A 32 -13.93 -9.33 -12.51
CA ILE A 32 -13.41 -8.65 -11.35
C ILE A 32 -12.07 -8.08 -11.79
N CYS A 33 -11.94 -6.76 -11.73
CA CYS A 33 -10.74 -6.05 -12.17
C CYS A 33 -9.96 -5.56 -10.96
N ASN A 34 -8.88 -6.26 -10.65
CA ASN A 34 -8.06 -5.90 -9.48
C ASN A 34 -6.75 -6.67 -9.51
N ASP A 35 -5.63 -5.96 -9.40
CA ASP A 35 -4.30 -6.58 -9.42
C ASP A 35 -4.07 -7.58 -8.27
N ASP A 36 -4.55 -7.25 -7.08
CA ASP A 36 -4.26 -8.09 -5.94
C ASP A 36 -5.20 -9.28 -5.79
N VAL A 37 -6.46 -9.13 -6.12
CA VAL A 37 -7.38 -10.27 -6.00
C VAL A 37 -6.93 -11.43 -6.89
N PHE A 38 -6.48 -11.10 -8.10
CA PHE A 38 -5.95 -12.03 -9.08
C PHE A 38 -4.90 -12.96 -8.45
N ASN A 39 -4.11 -12.41 -7.53
CA ASN A 39 -3.01 -13.13 -6.89
C ASN A 39 -3.35 -13.99 -5.66
N ASP A 40 -4.61 -14.02 -5.26
CA ASP A 40 -5.03 -14.81 -4.08
C ASP A 40 -5.80 -16.03 -4.58
N GLU A 41 -5.14 -17.18 -4.63
CA GLU A 41 -5.75 -18.38 -5.20
C GLU A 41 -7.05 -18.82 -4.53
N VAL A 42 -7.12 -18.68 -3.21
CA VAL A 42 -8.31 -19.08 -2.50
C VAL A 42 -9.50 -18.17 -2.86
N ARG A 43 -9.28 -16.85 -2.86
CA ARG A 43 -10.32 -15.88 -3.18
C ARG A 43 -10.79 -16.00 -4.63
N ARG A 44 -9.84 -16.15 -5.54
CA ARG A 44 -10.14 -16.35 -6.96
C ARG A 44 -11.00 -17.61 -7.12
N THR A 45 -10.69 -18.66 -6.36
CA THR A 45 -11.45 -19.90 -6.43
C THR A 45 -12.86 -19.74 -5.90
N LEU A 46 -13.01 -18.96 -4.83
CA LEU A 46 -14.31 -18.69 -4.27
C LEU A 46 -15.13 -17.89 -5.30
N LEU A 47 -14.47 -16.96 -5.98
CA LEU A 47 -15.13 -16.10 -6.95
C LEU A 47 -15.61 -16.93 -8.15
N ARG A 48 -14.74 -17.75 -8.69
CA ARG A 48 -15.10 -18.59 -9.84
C ARG A 48 -16.25 -19.54 -9.49
N GLN A 49 -16.19 -20.12 -8.30
CA GLN A 49 -17.23 -21.04 -7.86
C GLN A 49 -18.56 -20.35 -7.57
N ALA A 50 -18.52 -19.03 -7.44
CA ALA A 50 -19.70 -18.25 -7.13
C ALA A 50 -20.42 -17.74 -8.38
N ALA A 51 -19.98 -18.16 -9.56
CA ALA A 51 -20.58 -17.70 -10.82
C ALA A 51 -22.05 -18.04 -10.85
N PRO A 52 -22.92 -17.05 -11.05
CA PRO A 52 -24.34 -17.35 -11.22
C PRO A 52 -24.56 -18.25 -12.44
N PRO A 53 -25.56 -19.14 -12.41
CA PRO A 53 -25.87 -19.99 -13.56
C PRO A 53 -25.99 -19.17 -14.84
N GLY A 54 -25.41 -19.69 -15.91
CA GLY A 54 -25.45 -19.04 -17.21
C GLY A 54 -24.43 -17.94 -17.40
N MET A 55 -23.70 -17.58 -16.35
CA MET A 55 -22.72 -16.50 -16.45
C MET A 55 -21.30 -16.98 -16.18
N LYS A 56 -20.31 -16.37 -16.81
CA LYS A 56 -18.93 -16.70 -16.50
C LYS A 56 -18.36 -15.68 -15.54
N VAL A 57 -17.35 -16.08 -14.78
CA VAL A 57 -16.66 -15.16 -13.89
C VAL A 57 -15.17 -15.23 -14.20
N ASN A 58 -14.56 -14.06 -14.33
CA ASN A 58 -13.12 -13.96 -14.51
C ASN A 58 -12.51 -12.93 -13.57
N VAL A 59 -11.34 -13.25 -13.01
CA VAL A 59 -10.64 -12.35 -12.13
C VAL A 59 -9.35 -11.95 -12.82
N VAL A 60 -9.19 -10.67 -13.11
CA VAL A 60 -8.04 -10.19 -13.87
C VAL A 60 -7.38 -8.94 -13.35
N SER A 61 -6.13 -8.77 -13.76
CA SER A 61 -5.39 -7.57 -13.46
C SER A 61 -5.98 -6.43 -14.26
N LEU A 62 -5.68 -5.20 -13.86
CA LEU A 62 -6.12 -4.05 -14.63
C LEU A 62 -5.52 -4.10 -16.04
N GLU A 63 -4.26 -4.52 -16.14
CA GLU A 63 -3.61 -4.64 -17.43
C GLU A 63 -4.41 -5.57 -18.36
N LYS A 64 -4.76 -6.73 -17.84
CA LYS A 64 -5.49 -7.70 -18.64
C LYS A 64 -6.92 -7.21 -18.88
N ALA A 65 -7.55 -6.57 -17.91
CA ALA A 65 -8.90 -6.03 -18.12
C ALA A 65 -8.93 -5.10 -19.34
N VAL A 66 -7.93 -4.23 -19.44
CA VAL A 66 -7.83 -3.30 -20.57
C VAL A 66 -7.54 -4.02 -21.88
N ALA A 67 -6.67 -5.02 -21.82
CA ALA A 67 -6.28 -5.78 -23.01
C ALA A 67 -7.45 -6.53 -23.61
N VAL A 68 -8.20 -7.24 -22.76
CA VAL A 68 -9.32 -8.01 -23.25
C VAL A 68 -10.44 -7.09 -23.73
N TYR A 69 -10.59 -5.94 -23.08
CA TYR A 69 -11.57 -4.94 -23.53
C TYR A 69 -11.29 -4.54 -24.98
N HIS A 70 -10.01 -4.39 -25.34
CA HIS A 70 -9.63 -3.97 -26.68
C HIS A 70 -9.51 -5.14 -27.67
N ASN A 71 -9.76 -6.36 -27.23
CA ASN A 71 -9.68 -7.52 -28.12
C ASN A 71 -10.99 -7.73 -28.88
N PRO A 72 -10.97 -7.60 -30.21
CA PRO A 72 -12.19 -7.74 -31.02
C PRO A 72 -12.91 -9.08 -30.89
N GLN A 73 -12.21 -10.09 -30.40
CA GLN A 73 -12.84 -11.39 -30.13
C GLN A 73 -14.05 -11.21 -29.20
N TYR A 74 -14.00 -10.19 -28.33
CA TYR A 74 -15.06 -9.99 -27.34
C TYR A 74 -15.88 -8.73 -27.62
N GLN A 75 -15.85 -8.28 -28.88
CA GLN A 75 -16.49 -7.05 -29.29
C GLN A 75 -17.91 -6.89 -28.77
N ASP A 76 -18.72 -7.94 -28.90
CA ASP A 76 -20.13 -7.87 -28.53
C ASP A 76 -20.49 -8.53 -27.20
N GLU A 77 -19.49 -9.02 -26.48
CA GLU A 77 -19.71 -9.66 -25.16
C GLU A 77 -20.23 -8.66 -24.14
N THR A 78 -21.25 -9.05 -23.39
CA THR A 78 -21.79 -8.16 -22.37
C THR A 78 -21.06 -8.43 -21.06
N VAL A 79 -20.71 -7.36 -20.37
CA VAL A 79 -19.88 -7.45 -19.18
C VAL A 79 -20.35 -6.66 -17.98
N PHE A 80 -20.27 -7.31 -16.83
CA PHE A 80 -20.54 -6.73 -15.51
C PHE A 80 -19.16 -6.62 -14.82
N TYR A 81 -18.67 -5.39 -14.64
CA TYR A 81 -17.39 -5.16 -14.01
C TYR A 81 -17.58 -5.00 -12.52
N LEU A 82 -16.69 -5.63 -11.77
CA LEU A 82 -16.58 -5.42 -10.32
C LEU A 82 -15.19 -4.86 -9.99
N PHE A 83 -15.21 -3.80 -9.20
CA PHE A 83 -14.01 -3.12 -8.71
C PHE A 83 -14.05 -3.01 -7.17
N THR A 84 -12.90 -2.84 -6.54
CA THR A 84 -12.86 -2.63 -5.08
C THR A 84 -12.70 -1.18 -4.71
N ASN A 85 -12.42 -0.33 -5.69
CA ASN A 85 -12.08 1.05 -5.39
C ASN A 85 -12.16 1.91 -6.66
N PRO A 86 -12.31 3.22 -6.49
CA PRO A 86 -12.44 4.13 -7.63
C PRO A 86 -11.13 4.41 -8.39
N HIS A 87 -9.99 4.25 -7.74
CA HIS A 87 -8.69 4.49 -8.40
C HIS A 87 -8.54 3.59 -9.61
N ASP A 88 -8.91 2.32 -9.44
CA ASP A 88 -8.78 1.35 -10.51
C ASP A 88 -9.74 1.64 -11.67
N VAL A 89 -10.92 2.15 -11.36
CA VAL A 89 -11.88 2.54 -12.40
C VAL A 89 -11.25 3.67 -13.21
N LEU A 90 -10.69 4.65 -12.51
CA LEU A 90 -10.00 5.77 -13.16
C LEU A 90 -8.88 5.30 -14.09
N THR A 91 -8.06 4.38 -13.61
CA THR A 91 -6.95 3.85 -14.41
C THR A 91 -7.45 3.26 -15.73
N MET A 92 -8.52 2.48 -15.66
CA MET A 92 -9.04 1.83 -16.87
C MET A 92 -9.73 2.84 -17.80
N VAL A 93 -10.49 3.77 -17.22
CA VAL A 93 -11.13 4.81 -18.01
C VAL A 93 -10.12 5.64 -18.81
N ARG A 94 -9.00 5.96 -18.17
CA ARG A 94 -7.94 6.71 -18.82
C ARG A 94 -7.29 5.94 -19.97
N GLN A 95 -7.49 4.62 -19.99
CA GLN A 95 -6.93 3.76 -21.02
C GLN A 95 -7.95 3.34 -22.07
N GLY A 96 -9.05 4.08 -22.15
CA GLY A 96 -10.02 3.86 -23.21
C GLY A 96 -11.20 2.97 -22.87
N VAL A 97 -11.30 2.48 -21.63
CA VAL A 97 -12.46 1.68 -21.25
C VAL A 97 -13.66 2.60 -20.99
N GLN A 98 -14.66 2.51 -21.86
CA GLN A 98 -15.83 3.39 -21.81
C GLN A 98 -16.84 2.99 -20.75
N ILE A 99 -16.80 3.69 -19.62
CA ILE A 99 -17.76 3.46 -18.55
C ILE A 99 -18.55 4.75 -18.40
N ALA A 100 -19.79 4.74 -18.87
CA ALA A 100 -20.64 5.95 -18.86
C ALA A 100 -21.16 6.26 -17.47
N THR A 101 -21.55 5.23 -16.73
CA THR A 101 -21.94 5.41 -15.35
C THR A 101 -21.37 4.30 -14.47
N LEU A 102 -20.90 4.73 -13.31
CA LEU A 102 -20.28 3.87 -12.32
C LEU A 102 -21.20 3.75 -11.12
N ASN A 103 -21.54 2.52 -10.77
CA ASN A 103 -22.37 2.24 -9.61
C ASN A 103 -21.42 2.03 -8.42
N ILE A 104 -21.71 2.70 -7.31
CA ILE A 104 -20.92 2.55 -6.09
C ILE A 104 -21.82 1.84 -5.09
N GLY A 105 -21.42 0.64 -4.66
CA GLY A 105 -22.23 -0.16 -3.77
C GLY A 105 -21.65 -0.50 -2.42
N GLY A 106 -20.33 -0.56 -2.30
CA GLY A 106 -19.73 -0.94 -1.04
C GLY A 106 -18.25 -0.62 -0.99
N MET A 107 -17.90 0.28 -0.09
CA MET A 107 -16.50 0.64 0.17
C MET A 107 -16.35 0.55 1.67
N ALA A 108 -15.74 -0.55 2.11
CA ALA A 108 -15.70 -0.88 3.53
C ALA A 108 -14.83 0.06 4.36
N TRP A 109 -15.26 0.27 5.59
CA TRP A 109 -14.50 1.10 6.52
C TRP A 109 -13.27 0.37 7.01
N ARG A 110 -12.17 1.11 7.13
CA ARG A 110 -10.96 0.65 7.78
C ARG A 110 -10.26 1.91 8.39
N PRO A 111 -9.38 1.74 9.37
CA PRO A 111 -8.68 2.90 9.94
C PRO A 111 -8.09 3.76 8.83
N GLY A 112 -8.28 5.07 8.89
CA GLY A 112 -7.79 5.97 7.87
C GLY A 112 -8.91 6.47 6.99
N LYS A 113 -10.03 5.76 6.98
CA LYS A 113 -11.20 6.17 6.22
C LYS A 113 -12.16 6.91 7.14
N LYS A 114 -13.04 7.69 6.55
CA LYS A 114 -14.10 8.36 7.29
C LYS A 114 -15.41 7.94 6.65
N GLN A 115 -16.34 7.43 7.44
CA GLN A 115 -17.59 6.99 6.86
C GLN A 115 -18.38 8.17 6.27
N LEU A 116 -18.92 7.95 5.08
CA LEU A 116 -19.72 8.94 4.40
C LEU A 116 -21.20 8.69 4.67
N THR A 117 -21.60 7.42 4.50
CA THR A 117 -22.98 6.99 4.66
C THR A 117 -22.94 5.46 4.83
N LYS A 118 -24.07 4.82 5.09
CA LYS A 118 -24.04 3.36 5.28
C LYS A 118 -23.37 2.76 4.05
N ALA A 119 -22.48 1.80 4.31
CA ALA A 119 -21.78 1.03 3.28
C ALA A 119 -20.66 1.73 2.50
N VAL A 120 -20.48 3.05 2.69
CA VAL A 120 -19.41 3.73 1.95
C VAL A 120 -18.54 4.57 2.88
N SER A 121 -17.26 4.21 2.95
CA SER A 121 -16.27 4.99 3.72
C SER A 121 -15.12 5.40 2.80
N LEU A 122 -14.55 6.56 3.04
CA LEU A 122 -13.59 7.15 2.08
C LEU A 122 -12.41 7.83 2.74
N ASP A 123 -11.32 7.95 1.99
CA ASP A 123 -10.23 8.82 2.40
C ASP A 123 -10.08 9.88 1.30
N PRO A 124 -9.27 10.91 1.53
CA PRO A 124 -9.10 11.95 0.52
C PRO A 124 -8.69 11.45 -0.85
N GLN A 125 -7.87 10.39 -0.92
CA GLN A 125 -7.48 9.85 -2.19
C GLN A 125 -8.70 9.30 -2.96
N ASP A 126 -9.58 8.59 -2.25
CA ASP A 126 -10.82 8.07 -2.82
C ASP A 126 -11.65 9.21 -3.39
N ILE A 127 -11.77 10.25 -2.60
CA ILE A 127 -12.59 11.39 -3.00
C ILE A 127 -12.01 12.04 -4.24
N GLN A 128 -10.69 12.20 -4.28
CA GLN A 128 -10.07 12.78 -5.46
C GLN A 128 -10.33 11.94 -6.71
N ALA A 129 -10.30 10.62 -6.58
CA ALA A 129 -10.54 9.73 -7.70
C ALA A 129 -11.95 9.95 -8.27
N PHE A 130 -12.92 10.09 -7.38
CA PHE A 130 -14.29 10.37 -7.79
C PHE A 130 -14.37 11.71 -8.49
N ARG A 131 -13.64 12.71 -8.01
CA ARG A 131 -13.65 14.00 -8.67
C ARG A 131 -13.08 13.89 -10.08
N GLU A 132 -12.02 13.09 -10.25
CA GLU A 132 -11.42 12.93 -11.57
C GLU A 132 -12.36 12.17 -12.49
N LEU A 133 -13.07 11.20 -11.94
CA LEU A 133 -14.02 10.43 -12.74
C LEU A 133 -15.13 11.36 -13.24
N ASP A 134 -15.64 12.21 -12.36
CA ASP A 134 -16.69 13.18 -12.71
C ASP A 134 -16.22 14.18 -13.77
N LYS A 135 -14.97 14.64 -13.67
CA LYS A 135 -14.41 15.54 -14.67
C LYS A 135 -14.38 14.89 -16.07
N LEU A 136 -14.22 13.58 -16.10
CA LEU A 136 -14.18 12.83 -17.36
C LEU A 136 -15.57 12.49 -17.89
N GLY A 137 -16.60 12.89 -17.15
CA GLY A 137 -17.97 12.69 -17.58
C GLY A 137 -18.61 11.42 -17.05
N VAL A 138 -17.94 10.70 -16.16
CA VAL A 138 -18.50 9.45 -15.63
C VAL A 138 -19.60 9.79 -14.64
N LYS A 139 -20.79 9.20 -14.83
CA LYS A 139 -21.87 9.43 -13.89
C LYS A 139 -21.64 8.59 -12.65
N LEU A 140 -21.86 9.19 -11.48
CA LEU A 140 -21.62 8.47 -10.23
C LEU A 140 -22.93 8.09 -9.51
N ASP A 141 -23.20 6.80 -9.47
CA ASP A 141 -24.50 6.26 -9.04
C ASP A 141 -24.34 5.42 -7.77
N LEU A 142 -24.55 6.04 -6.61
CA LEU A 142 -24.42 5.34 -5.36
C LEU A 142 -25.72 4.62 -5.00
N ARG A 143 -25.67 3.31 -5.07
CA ARG A 143 -26.73 2.44 -4.55
C ARG A 143 -26.20 1.08 -4.17
N VAL A 144 -26.49 0.73 -2.93
CA VAL A 144 -26.08 -0.54 -2.36
C VAL A 144 -26.85 -1.64 -3.08
N VAL A 145 -28.18 -1.46 -3.17
CA VAL A 145 -29.02 -2.38 -3.93
C VAL A 145 -29.76 -1.61 -5.02
N ALA A 146 -30.08 -2.31 -6.11
CA ALA A 146 -30.65 -1.66 -7.28
C ALA A 146 -31.92 -0.86 -6.99
N SER A 147 -32.74 -1.38 -6.09
CA SER A 147 -34.00 -0.72 -5.75
C SER A 147 -33.84 0.52 -4.87
N ASP A 148 -32.62 0.79 -4.40
CA ASP A 148 -32.38 1.97 -3.57
C ASP A 148 -32.40 3.22 -4.45
N PRO A 149 -32.80 4.35 -3.90
CA PRO A 149 -32.72 5.62 -4.64
C PRO A 149 -31.26 5.95 -4.96
N SER A 150 -30.98 6.34 -6.20
CA SER A 150 -29.61 6.69 -6.60
C SER A 150 -29.20 8.01 -5.99
N VAL A 151 -27.99 8.03 -5.46
CA VAL A 151 -27.39 9.21 -4.87
C VAL A 151 -26.12 9.54 -5.66
N ASN A 152 -25.93 10.82 -5.98
CA ASN A 152 -24.72 11.27 -6.63
C ASN A 152 -23.64 11.37 -5.53
N ILE A 153 -22.64 10.50 -5.58
CA ILE A 153 -21.71 10.41 -4.45
C ILE A 153 -20.96 11.71 -4.21
N LEU A 154 -20.64 12.43 -5.28
CA LEU A 154 -19.97 13.72 -5.11
C LEU A 154 -20.86 14.74 -4.45
N ASP A 155 -22.14 14.79 -4.82
CA ASP A 155 -23.04 15.71 -4.16
C ASP A 155 -23.13 15.35 -2.68
N LYS A 156 -23.17 14.05 -2.37
CA LYS A 156 -23.22 13.61 -0.99
C LYS A 156 -21.97 14.04 -0.21
N ILE A 157 -20.79 13.84 -0.79
CA ILE A 157 -19.55 14.26 -0.15
C ILE A 157 -19.58 15.77 0.08
N ASN A 158 -20.00 16.49 -0.94
CA ASN A 158 -20.01 17.94 -0.92
C ASN A 158 -21.03 18.54 0.07
N GLU A 159 -21.92 17.71 0.62
CA GLU A 159 -22.87 18.21 1.62
C GLU A 159 -22.15 18.65 2.89
N THR A 160 -21.03 18.01 3.20
CA THR A 160 -20.35 18.30 4.46
C THR A 160 -18.89 18.74 4.31
N ALA A 161 -18.42 18.85 3.08
CA ALA A 161 -17.03 19.24 2.83
C ALA A 161 -16.93 20.21 1.67
N PHE A 162 -15.91 21.06 1.68
CA PHE A 162 -15.73 22.02 0.59
C PHE A 162 -15.21 21.38 -0.69
N CYS A 163 -15.62 21.99 -1.82
CA CYS A 163 -15.29 21.62 -3.21
C CYS A 163 -16.50 21.04 -3.96
N MET B 1 -17.86 -6.49 34.87
CA MET B 1 -18.57 -6.85 33.60
C MET B 1 -18.46 -8.35 33.33
N GLN B 2 -19.54 -8.96 32.90
CA GLN B 2 -19.54 -10.35 32.45
C GLN B 2 -19.59 -10.37 30.92
N ILE B 3 -18.57 -10.90 30.28
CA ILE B 3 -18.53 -10.91 28.83
C ILE B 3 -19.17 -12.21 28.36
N THR B 4 -20.34 -12.12 27.76
CA THR B 4 -21.06 -13.32 27.35
C THR B 4 -20.78 -13.69 25.88
N LEU B 5 -20.26 -12.74 25.11
CA LEU B 5 -19.92 -12.98 23.71
C LEU B 5 -18.83 -12.01 23.33
N ALA B 6 -17.77 -12.49 22.70
CA ALA B 6 -16.71 -11.62 22.16
C ALA B 6 -16.48 -12.06 20.71
N ARG B 7 -16.72 -11.16 19.78
CA ARG B 7 -16.68 -11.52 18.37
C ARG B 7 -15.88 -10.57 17.50
N ILE B 8 -14.99 -11.14 16.69
CA ILE B 8 -14.30 -10.39 15.67
C ILE B 8 -15.20 -10.42 14.45
N ASP B 9 -15.74 -9.26 14.08
CA ASP B 9 -16.58 -9.12 12.91
C ASP B 9 -16.40 -7.68 12.50
N ASP B 10 -15.59 -7.46 11.48
CA ASP B 10 -15.24 -6.10 11.10
C ASP B 10 -16.36 -5.33 10.38
N ARG B 11 -17.50 -5.97 10.17
CA ARG B 11 -18.68 -5.26 9.67
C ARG B 11 -19.56 -4.85 10.86
N LEU B 12 -19.03 -5.11 12.07
CA LEU B 12 -19.67 -4.68 13.32
C LEU B 12 -21.15 -5.05 13.41
N ILE B 13 -22.06 -4.08 13.44
CA ILE B 13 -23.48 -4.40 13.48
C ILE B 13 -24.06 -4.41 12.08
N HIS B 14 -24.50 -5.57 11.60
CA HIS B 14 -25.01 -5.64 10.25
C HIS B 14 -26.20 -6.55 10.10
N GLY B 15 -27.38 -6.02 10.38
CA GLY B 15 -28.61 -6.73 10.14
C GLY B 15 -28.88 -7.98 10.96
N GLN B 16 -29.68 -8.87 10.39
CA GLN B 16 -30.18 -10.06 11.09
C GLN B 16 -29.09 -10.93 11.70
N VAL B 17 -27.94 -11.05 11.03
CA VAL B 17 -26.86 -11.87 11.56
C VAL B 17 -26.43 -11.38 12.95
N THR B 18 -26.28 -10.07 13.10
CA THR B 18 -25.87 -9.52 14.37
C THR B 18 -26.95 -9.66 15.41
N THR B 19 -28.20 -9.50 14.98
CA THR B 19 -29.31 -9.66 15.89
C THR B 19 -29.36 -11.10 16.44
N VAL B 20 -29.12 -12.08 15.60
CA VAL B 20 -29.11 -13.48 16.03
C VAL B 20 -27.99 -13.71 17.06
N TRP B 21 -26.83 -13.13 16.79
CA TRP B 21 -25.74 -13.22 17.74
C TRP B 21 -26.08 -12.51 19.05
N SER B 22 -26.72 -11.35 18.96
CA SER B 22 -27.11 -10.59 20.15
C SER B 22 -28.05 -11.41 21.02
N LYS B 23 -28.93 -12.16 20.37
CA LYS B 23 -29.86 -13.01 21.10
C LYS B 23 -29.11 -14.14 21.82
N VAL B 24 -28.07 -14.67 21.18
CA VAL B 24 -27.26 -15.70 21.81
C VAL B 24 -26.55 -15.13 23.05
N ALA B 25 -26.05 -13.90 22.90
CA ALA B 25 -25.30 -13.24 23.97
C ALA B 25 -26.17 -12.92 25.17
N ASN B 26 -27.44 -12.61 24.92
CA ASN B 26 -28.36 -12.27 26.02
C ASN B 26 -27.72 -11.24 26.95
N ALA B 27 -27.18 -10.19 26.34
CA ALA B 27 -26.44 -9.15 27.09
C ALA B 27 -27.21 -7.84 27.14
N GLN B 28 -26.73 -6.91 27.95
CA GLN B 28 -27.34 -5.60 28.10
C GLN B 28 -26.71 -4.54 27.20
N ARG B 29 -25.48 -4.77 26.79
CA ARG B 29 -24.73 -3.76 26.05
C ARG B 29 -23.82 -4.37 25.02
N ILE B 30 -23.81 -3.81 23.82
CA ILE B 30 -22.85 -4.21 22.81
C ILE B 30 -21.79 -3.12 22.86
N ILE B 31 -20.55 -3.52 23.07
CA ILE B 31 -19.44 -2.57 23.16
C ILE B 31 -18.49 -2.85 22.00
N ILE B 32 -18.37 -1.87 21.10
CA ILE B 32 -17.43 -1.97 20.01
C ILE B 32 -16.10 -1.41 20.50
N CYS B 33 -15.09 -2.26 20.52
CA CYS B 33 -13.76 -1.91 21.02
C CYS B 33 -12.80 -1.64 19.88
N ASN B 34 -12.55 -0.37 19.59
CA ASN B 34 -11.67 0.00 18.49
C ASN B 34 -11.32 1.48 18.53
N ASP B 35 -10.02 1.77 18.54
CA ASP B 35 -9.54 3.15 18.61
C ASP B 35 -10.06 4.05 17.48
N ASP B 36 -9.97 3.58 16.25
CA ASP B 36 -10.31 4.42 15.10
C ASP B 36 -11.81 4.56 14.87
N VAL B 37 -12.59 3.52 15.15
CA VAL B 37 -14.04 3.63 15.02
C VAL B 37 -14.55 4.67 16.02
N PHE B 38 -13.93 4.72 17.20
CA PHE B 38 -14.28 5.68 18.23
C PHE B 38 -14.13 7.12 17.74
N ASN B 39 -13.21 7.33 16.81
CA ASN B 39 -12.92 8.66 16.28
C ASN B 39 -13.70 9.04 15.01
N ASP B 40 -14.57 8.14 14.53
CA ASP B 40 -15.37 8.39 13.35
C ASP B 40 -16.80 8.66 13.78
N GLU B 41 -17.18 9.93 13.74
CA GLU B 41 -18.47 10.38 14.21
C GLU B 41 -19.62 9.77 13.45
N VAL B 42 -19.49 9.66 12.13
CA VAL B 42 -20.56 9.06 11.33
C VAL B 42 -20.73 7.56 11.66
N ARG B 43 -19.64 6.81 11.68
CA ARG B 43 -19.73 5.39 11.99
C ARG B 43 -20.26 5.14 13.41
N ARG B 44 -19.79 5.93 14.37
CA ARG B 44 -20.23 5.77 15.75
C ARG B 44 -21.73 6.05 15.84
N THR B 45 -22.19 7.05 15.11
CA THR B 45 -23.59 7.40 15.12
C THR B 45 -24.43 6.28 14.46
N LEU B 46 -23.96 5.77 13.32
CA LEU B 46 -24.63 4.66 12.65
C LEU B 46 -24.75 3.44 13.58
N LEU B 47 -23.69 3.16 14.34
CA LEU B 47 -23.65 2.00 15.25
C LEU B 47 -24.72 2.12 16.31
N ARG B 48 -24.79 3.28 16.94
CA ARG B 48 -25.78 3.53 17.97
C ARG B 48 -27.19 3.37 17.40
N GLN B 49 -27.43 3.91 16.21
CA GLN B 49 -28.75 3.81 15.58
C GLN B 49 -29.11 2.41 15.11
N ALA B 50 -28.12 1.53 15.02
CA ALA B 50 -28.36 0.15 14.61
C ALA B 50 -28.50 -0.83 15.80
N ALA B 51 -28.70 -0.30 16.99
CA ALA B 51 -28.81 -1.13 18.16
C ALA B 51 -29.99 -2.09 18.05
N PRO B 52 -29.76 -3.39 18.26
CA PRO B 52 -30.89 -4.32 18.32
C PRO B 52 -31.86 -3.89 19.40
N PRO B 53 -33.15 -4.18 19.22
CA PRO B 53 -34.14 -3.82 20.22
C PRO B 53 -33.73 -4.23 21.64
N GLY B 54 -33.90 -3.33 22.60
CA GLY B 54 -33.59 -3.59 24.00
C GLY B 54 -32.11 -3.58 24.35
N MET B 55 -31.25 -3.25 23.37
CA MET B 55 -29.80 -3.26 23.58
C MET B 55 -29.21 -1.86 23.59
N LYS B 56 -28.21 -1.64 24.43
CA LYS B 56 -27.44 -0.42 24.40
C LYS B 56 -26.22 -0.71 23.53
N VAL B 57 -25.71 0.31 22.84
CA VAL B 57 -24.51 0.18 22.03
C VAL B 57 -23.58 1.33 22.39
N ASN B 58 -22.32 1.00 22.65
CA ASN B 58 -21.29 1.99 22.87
C ASN B 58 -20.06 1.68 22.08
N VAL B 59 -19.36 2.73 21.66
CA VAL B 59 -18.11 2.57 20.91
C VAL B 59 -17.04 3.16 21.79
N VAL B 60 -15.97 2.40 22.04
CA VAL B 60 -14.87 2.83 22.89
C VAL B 60 -13.48 2.51 22.35
N SER B 61 -12.52 3.33 22.74
CA SER B 61 -11.13 3.03 22.44
C SER B 61 -10.73 1.82 23.29
N LEU B 62 -9.60 1.20 22.96
CA LEU B 62 -9.13 0.08 23.76
C LEU B 62 -8.86 0.52 25.21
N GLU B 63 -8.31 1.71 25.38
CA GLU B 63 -8.02 2.25 26.70
C GLU B 63 -9.31 2.35 27.51
N LYS B 64 -10.35 2.91 26.91
CA LYS B 64 -11.61 3.06 27.62
C LYS B 64 -12.26 1.70 27.86
N ALA B 65 -12.17 0.78 26.90
CA ALA B 65 -12.71 -0.56 27.10
C ALA B 65 -12.15 -1.19 28.38
N VAL B 66 -10.84 -1.08 28.54
CA VAL B 66 -10.17 -1.63 29.70
C VAL B 66 -10.64 -0.92 30.98
N ALA B 67 -10.71 0.40 30.92
CA ALA B 67 -11.15 1.17 32.07
C ALA B 67 -12.59 0.84 32.52
N VAL B 68 -13.55 0.78 31.59
CA VAL B 68 -14.93 0.48 31.96
C VAL B 68 -15.04 -0.95 32.48
N TYR B 69 -14.27 -1.86 31.87
CA TYR B 69 -14.26 -3.25 32.32
C TYR B 69 -13.88 -3.36 33.81
N HIS B 70 -12.92 -2.53 34.24
CA HIS B 70 -12.46 -2.57 35.63
C HIS B 70 -13.22 -1.63 36.57
N ASN B 71 -14.27 -0.98 36.06
CA ASN B 71 -15.10 -0.08 36.88
C ASN B 71 -16.23 -0.88 37.54
N PRO B 72 -16.20 -0.99 38.86
CA PRO B 72 -17.22 -1.75 39.60
C PRO B 72 -18.67 -1.32 39.34
N GLN B 73 -18.86 -0.13 38.80
CA GLN B 73 -20.18 0.37 38.49
C GLN B 73 -20.86 -0.59 37.50
N TYR B 74 -20.04 -1.30 36.73
CA TYR B 74 -20.56 -2.25 35.72
C TYR B 74 -20.24 -3.70 36.06
N GLN B 75 -20.00 -3.95 37.33
CA GLN B 75 -19.58 -5.27 37.81
C GLN B 75 -20.44 -6.41 37.24
N ASP B 76 -21.76 -6.25 37.28
CA ASP B 76 -22.65 -7.34 36.86
C ASP B 76 -23.26 -7.15 35.49
N GLU B 77 -22.80 -6.15 34.77
CA GLU B 77 -23.32 -5.85 33.46
C GLU B 77 -22.89 -6.91 32.45
N THR B 78 -23.83 -7.37 31.63
CA THR B 78 -23.51 -8.37 30.62
C THR B 78 -23.19 -7.67 29.31
N VAL B 79 -22.11 -8.11 28.67
CA VAL B 79 -21.59 -7.42 27.50
C VAL B 79 -21.28 -8.35 26.34
N PHE B 80 -21.61 -7.85 25.14
CA PHE B 80 -21.31 -8.48 23.86
C PHE B 80 -20.26 -7.57 23.25
N TYR B 81 -19.00 -8.01 23.22
CA TYR B 81 -17.93 -7.22 22.60
C TYR B 81 -17.84 -7.46 21.09
N LEU B 82 -17.56 -6.39 20.35
CA LEU B 82 -17.25 -6.49 18.93
C LEU B 82 -15.88 -5.88 18.68
N PHE B 83 -15.06 -6.59 17.90
CA PHE B 83 -13.70 -6.23 17.50
C PHE B 83 -13.55 -6.33 15.99
N THR B 84 -12.54 -5.68 15.41
CA THR B 84 -12.31 -5.82 13.97
C THR B 84 -11.12 -6.71 13.69
N ASN B 85 -10.37 -7.04 14.72
CA ASN B 85 -9.12 -7.76 14.52
C ASN B 85 -8.65 -8.41 15.82
N PRO B 86 -7.81 -9.43 15.72
CA PRO B 86 -7.33 -10.14 16.92
C PRO B 86 -6.33 -9.38 17.79
N HIS B 87 -5.55 -8.47 17.21
CA HIS B 87 -4.56 -7.70 17.98
C HIS B 87 -5.23 -6.94 19.12
N ASP B 88 -6.38 -6.34 18.82
CA ASP B 88 -7.11 -5.55 19.81
C ASP B 88 -7.62 -6.43 20.95
N VAL B 89 -8.01 -7.65 20.63
CA VAL B 89 -8.45 -8.58 21.65
C VAL B 89 -7.26 -8.87 22.56
N LEU B 90 -6.12 -9.19 21.95
CA LEU B 90 -4.90 -9.48 22.68
C LEU B 90 -4.48 -8.34 23.61
N THR B 91 -4.57 -7.11 23.11
CA THR B 91 -4.25 -5.93 23.91
C THR B 91 -5.09 -5.89 25.19
N MET B 92 -6.39 -6.16 25.05
CA MET B 92 -7.29 -6.13 26.21
C MET B 92 -7.08 -7.31 27.16
N VAL B 93 -6.92 -8.51 26.59
CA VAL B 93 -6.68 -9.71 27.42
C VAL B 93 -5.43 -9.53 28.26
N ARG B 94 -4.41 -8.90 27.69
CA ARG B 94 -3.15 -8.65 28.40
C ARG B 94 -3.33 -7.66 29.56
N GLN B 95 -4.45 -6.94 29.57
CA GLN B 95 -4.72 -5.98 30.62
C GLN B 95 -5.83 -6.43 31.56
N GLY B 96 -6.06 -7.73 31.66
CA GLY B 96 -6.99 -8.26 32.64
C GLY B 96 -8.40 -8.53 32.17
N VAL B 97 -8.70 -8.26 30.91
CA VAL B 97 -10.05 -8.49 30.41
C VAL B 97 -10.17 -10.00 30.18
N GLN B 98 -11.05 -10.65 30.94
CA GLN B 98 -11.25 -12.08 30.83
C GLN B 98 -12.20 -12.48 29.69
N ILE B 99 -11.61 -12.99 28.62
CA ILE B 99 -12.37 -13.49 27.50
C ILE B 99 -11.97 -14.96 27.37
N ALA B 100 -12.88 -15.85 27.73
CA ALA B 100 -12.61 -17.30 27.72
C ALA B 100 -12.62 -17.88 26.32
N THR B 101 -13.63 -17.55 25.54
CA THR B 101 -13.62 -17.92 24.12
C THR B 101 -13.96 -16.71 23.24
N LEU B 102 -13.22 -16.63 22.14
CA LEU B 102 -13.34 -15.55 21.16
C LEU B 102 -13.97 -16.12 19.89
N ASN B 103 -15.09 -15.54 19.49
CA ASN B 103 -15.78 -15.93 18.27
C ASN B 103 -15.17 -15.14 17.11
N ILE B 104 -14.83 -15.82 16.03
CA ILE B 104 -14.32 -15.15 14.83
C ILE B 104 -15.37 -15.32 13.76
N GLY B 105 -15.92 -14.20 13.29
CA GLY B 105 -17.00 -14.21 12.34
C GLY B 105 -16.76 -13.54 11.00
N GLY B 106 -15.92 -12.52 10.97
CA GLY B 106 -15.67 -11.82 9.74
C GLY B 106 -14.44 -10.94 9.78
N MET B 107 -13.50 -11.28 8.90
CA MET B 107 -12.28 -10.52 8.70
C MET B 107 -12.14 -10.35 7.19
N ALA B 108 -12.40 -9.12 6.75
CA ALA B 108 -12.50 -8.85 5.33
C ALA B 108 -11.15 -8.88 4.63
N TRP B 109 -11.19 -9.31 3.39
CA TRP B 109 -10.00 -9.38 2.57
C TRP B 109 -9.65 -7.97 2.12
N ARG B 110 -8.35 -7.71 2.05
CA ARG B 110 -7.84 -6.49 1.45
C ARG B 110 -6.44 -6.82 0.98
N PRO B 111 -5.88 -6.02 0.08
CA PRO B 111 -4.52 -6.29 -0.36
C PRO B 111 -3.58 -6.42 0.84
N GLY B 112 -2.76 -7.46 0.82
CA GLY B 112 -1.83 -7.75 1.90
C GLY B 112 -2.29 -8.94 2.70
N LYS B 113 -3.55 -9.32 2.53
CA LYS B 113 -4.08 -10.48 3.24
C LYS B 113 -4.28 -11.63 2.29
N LYS B 114 -4.37 -12.85 2.85
CA LYS B 114 -4.67 -14.02 2.07
C LYS B 114 -5.90 -14.68 2.65
N GLN B 115 -6.84 -15.05 1.79
CA GLN B 115 -8.10 -15.62 2.24
C GLN B 115 -7.85 -16.99 2.84
N LEU B 116 -8.42 -17.22 4.02
CA LEU B 116 -8.32 -18.49 4.72
C LEU B 116 -9.52 -19.36 4.37
N THR B 117 -10.70 -18.75 4.42
CA THR B 117 -11.94 -19.41 4.08
C THR B 117 -12.91 -18.28 3.84
N LYS B 118 -14.11 -18.58 3.40
CA LYS B 118 -15.09 -17.54 3.13
C LYS B 118 -15.21 -16.74 4.43
N ALA B 119 -15.28 -15.43 4.31
CA ALA B 119 -15.46 -14.55 5.47
C ALA B 119 -14.22 -14.25 6.33
N VAL B 120 -13.14 -15.04 6.22
CA VAL B 120 -11.93 -14.74 7.00
C VAL B 120 -10.67 -14.72 6.14
N SER B 121 -9.96 -13.59 6.18
CA SER B 121 -8.72 -13.38 5.45
C SER B 121 -7.70 -12.85 6.47
N LEU B 122 -6.44 -13.25 6.32
CA LEU B 122 -5.42 -12.97 7.33
C LEU B 122 -4.08 -12.57 6.75
N ASP B 123 -3.29 -11.90 7.58
CA ASP B 123 -1.87 -11.68 7.29
C ASP B 123 -1.07 -12.36 8.43
N PRO B 124 0.25 -12.46 8.28
CA PRO B 124 1.07 -13.12 9.29
C PRO B 124 0.94 -12.53 10.71
N GLN B 125 0.70 -11.23 10.82
CA GLN B 125 0.55 -10.61 12.13
C GLN B 125 -0.81 -10.99 12.77
N ASP B 126 -1.85 -11.15 11.95
CA ASP B 126 -3.14 -11.63 12.45
C ASP B 126 -2.94 -13.02 13.05
N ILE B 127 -2.24 -13.87 12.30
CA ILE B 127 -2.00 -15.25 12.72
C ILE B 127 -1.18 -15.26 13.99
N GLN B 128 -0.16 -14.43 14.06
CA GLN B 128 0.63 -14.34 15.30
C GLN B 128 -0.25 -13.99 16.49
N ALA B 129 -1.19 -13.06 16.30
CA ALA B 129 -2.06 -12.63 17.39
C ALA B 129 -2.91 -13.79 17.86
N PHE B 130 -3.47 -14.54 16.91
CA PHE B 130 -4.27 -15.70 17.24
C PHE B 130 -3.41 -16.72 18.02
N ARG B 131 -2.17 -16.89 17.60
CA ARG B 131 -1.31 -17.84 18.30
C ARG B 131 -1.05 -17.41 19.73
N GLU B 132 -0.90 -16.11 19.96
CA GLU B 132 -0.66 -15.63 21.30
C GLU B 132 -1.91 -15.75 22.16
N LEU B 133 -3.07 -15.51 21.57
CA LEU B 133 -4.34 -15.63 22.28
C LEU B 133 -4.50 -17.08 22.73
N ASP B 134 -4.15 -18.01 21.85
CA ASP B 134 -4.25 -19.43 22.16
C ASP B 134 -3.28 -19.82 23.28
N LYS B 135 -2.07 -19.26 23.26
CA LYS B 135 -1.10 -19.55 24.31
C LYS B 135 -1.64 -19.07 25.67
N LEU B 136 -2.45 -18.01 25.64
CA LEU B 136 -3.02 -17.45 26.86
C LEU B 136 -4.27 -18.19 27.31
N GLY B 137 -4.67 -19.20 26.55
CA GLY B 137 -5.82 -20.02 26.92
C GLY B 137 -7.13 -19.60 26.29
N VAL B 138 -7.11 -18.59 25.42
CA VAL B 138 -8.34 -18.15 24.79
C VAL B 138 -8.74 -19.16 23.73
N LYS B 139 -9.95 -19.68 23.85
CA LYS B 139 -10.48 -20.61 22.88
C LYS B 139 -10.91 -19.83 21.62
N LEU B 140 -10.55 -20.33 20.45
CA LEU B 140 -10.81 -19.63 19.19
C LEU B 140 -11.87 -20.34 18.34
N ASP B 141 -13.05 -19.72 18.32
CA ASP B 141 -14.26 -20.28 17.77
C ASP B 141 -14.64 -19.61 16.44
N LEU B 142 -14.27 -20.26 15.33
CA LEU B 142 -14.59 -19.76 14.00
C LEU B 142 -15.99 -20.16 13.57
N ARG B 143 -16.91 -19.21 13.63
CA ARG B 143 -18.22 -19.38 13.02
C ARG B 143 -18.84 -18.05 12.67
N VAL B 144 -19.26 -17.96 11.41
CA VAL B 144 -19.87 -16.76 10.86
C VAL B 144 -21.25 -16.56 11.45
N VAL B 145 -22.07 -17.59 11.37
CA VAL B 145 -23.40 -17.53 11.97
C VAL B 145 -23.48 -18.51 13.12
N ALA B 146 -24.33 -18.19 14.09
CA ALA B 146 -24.44 -18.96 15.32
C ALA B 146 -24.73 -20.45 15.10
N SER B 147 -25.54 -20.76 14.09
CA SER B 147 -25.94 -22.14 13.83
C SER B 147 -24.84 -22.97 13.20
N ASP B 148 -23.78 -22.32 12.73
CA ASP B 148 -22.67 -23.05 12.11
C ASP B 148 -21.91 -23.89 13.13
N PRO B 149 -21.36 -25.00 12.68
CA PRO B 149 -20.50 -25.86 13.52
C PRO B 149 -19.28 -25.05 13.89
N SER B 150 -18.78 -25.14 15.11
CA SER B 150 -17.58 -24.36 15.41
C SER B 150 -16.33 -24.98 14.80
N VAL B 151 -15.40 -24.13 14.38
CA VAL B 151 -14.12 -24.55 13.80
C VAL B 151 -12.99 -23.86 14.59
N ASN B 152 -11.96 -24.62 14.92
CA ASN B 152 -10.78 -24.08 15.59
C ASN B 152 -9.96 -23.36 14.52
N ILE B 153 -9.81 -22.04 14.64
CA ILE B 153 -9.15 -21.30 13.57
C ILE B 153 -7.71 -21.75 13.37
N LEU B 154 -7.01 -22.09 14.45
CA LEU B 154 -5.62 -22.54 14.34
C LEU B 154 -5.50 -23.89 13.63
N ASP B 155 -6.45 -24.79 13.88
CA ASP B 155 -6.45 -26.06 13.17
C ASP B 155 -6.64 -25.79 11.68
N LYS B 156 -7.51 -24.84 11.34
CA LYS B 156 -7.76 -24.51 9.95
C LYS B 156 -6.50 -23.92 9.29
N ILE B 157 -5.85 -22.99 9.98
CA ILE B 157 -4.61 -22.39 9.49
C ILE B 157 -3.53 -23.45 9.31
N ASN B 158 -3.35 -24.28 10.33
CA ASN B 158 -2.34 -25.34 10.33
C ASN B 158 -2.47 -26.36 9.19
N GLU B 159 -3.66 -26.50 8.61
CA GLU B 159 -3.85 -27.45 7.52
C GLU B 159 -2.95 -27.15 6.30
N THR B 160 -2.64 -25.87 6.11
CA THR B 160 -1.88 -25.43 4.94
C THR B 160 -0.60 -24.67 5.26
N ALA B 161 -0.29 -24.47 6.54
CA ALA B 161 0.91 -23.71 6.91
C ALA B 161 1.60 -24.27 8.14
N PHE B 162 2.91 -24.00 8.25
CA PHE B 162 3.68 -24.43 9.43
C PHE B 162 3.59 -23.44 10.57
N CYS B 163 3.82 -23.93 11.79
CA CYS B 163 3.90 -23.15 13.04
C CYS B 163 2.73 -23.37 13.98
N MET C 1 18.12 4.08 -35.05
CA MET C 1 17.26 3.77 -33.88
C MET C 1 16.07 4.71 -33.81
N GLN C 2 14.89 4.14 -33.57
CA GLN C 2 13.67 4.91 -33.32
C GLN C 2 13.39 4.92 -31.81
N ILE C 3 13.51 6.08 -31.19
CA ILE C 3 13.29 6.19 -29.75
C ILE C 3 11.80 6.41 -29.47
N THR C 4 11.14 5.38 -28.94
CA THR C 4 9.69 5.47 -28.72
C THR C 4 9.32 5.99 -27.32
N LEU C 5 10.27 5.91 -26.39
CA LEU C 5 10.06 6.39 -25.02
C LEU C 5 11.42 6.72 -24.43
N ALA C 6 11.53 7.86 -23.76
CA ALA C 6 12.73 8.24 -23.03
C ALA C 6 12.25 8.70 -21.66
N ARG C 7 12.69 8.02 -20.61
CA ARG C 7 12.19 8.30 -19.28
C ARG C 7 13.28 8.41 -18.24
N ILE C 8 13.16 9.43 -17.38
CA ILE C 8 14.03 9.59 -16.23
C ILE C 8 13.35 8.91 -15.08
N ASP C 9 13.98 7.86 -14.56
CA ASP C 9 13.47 7.13 -13.42
C ASP C 9 14.69 6.52 -12.77
N ASP C 10 15.12 7.09 -11.66
CA ASP C 10 16.35 6.61 -11.02
C ASP C 10 16.19 5.26 -10.34
N ARG C 11 14.98 4.70 -10.34
CA ARG C 11 14.79 3.35 -9.85
C ARG C 11 14.77 2.38 -11.05
N LEU C 12 14.97 2.91 -12.25
CA LEU C 12 15.13 2.11 -13.47
C LEU C 12 13.99 1.09 -13.71
N ILE C 13 14.28 -0.20 -13.67
CA ILE C 13 13.24 -1.20 -13.86
C ILE C 13 12.72 -1.64 -12.50
N HIS C 14 11.45 -1.32 -12.20
CA HIS C 14 10.90 -1.65 -10.90
C HIS C 14 9.44 -2.07 -10.94
N GLY C 15 9.24 -3.36 -11.20
CA GLY C 15 7.92 -3.97 -11.20
C GLY C 15 6.94 -3.50 -12.26
N GLN C 16 5.65 -3.63 -11.93
CA GLN C 16 4.55 -3.39 -12.85
C GLN C 16 4.61 -2.05 -13.57
N VAL C 17 4.97 -0.99 -12.87
CA VAL C 17 5.02 0.34 -13.47
C VAL C 17 5.91 0.35 -14.72
N THR C 18 7.11 -0.20 -14.61
CA THR C 18 8.01 -0.20 -15.75
C THR C 18 7.46 -1.02 -16.90
N THR C 19 6.82 -2.14 -16.57
CA THR C 19 6.23 -3.00 -17.57
C THR C 19 5.11 -2.29 -18.33
N VAL C 20 4.30 -1.52 -17.62
CA VAL C 20 3.23 -0.77 -18.27
C VAL C 20 3.83 0.23 -19.25
N TRP C 21 4.89 0.93 -18.82
CA TRP C 21 5.59 1.86 -19.70
C TRP C 21 6.19 1.15 -20.93
N SER C 22 6.78 -0.03 -20.69
CA SER C 22 7.37 -0.79 -21.79
C SER C 22 6.31 -1.13 -22.85
N LYS C 23 5.12 -1.49 -22.38
CA LYS C 23 4.02 -1.79 -23.28
C LYS C 23 3.62 -0.56 -24.09
N VAL C 24 3.63 0.59 -23.43
CA VAL C 24 3.30 1.85 -24.10
C VAL C 24 4.35 2.13 -25.16
N ALA C 25 5.61 1.92 -24.79
CA ALA C 25 6.73 2.18 -25.69
C ALA C 25 6.71 1.25 -26.90
N ASN C 26 6.24 0.01 -26.69
CA ASN C 26 6.22 -0.99 -27.75
C ASN C 26 7.58 -1.07 -28.45
N ALA C 27 8.63 -1.17 -27.64
CA ALA C 27 9.99 -1.21 -28.15
C ALA C 27 10.58 -2.61 -28.07
N GLN C 28 11.67 -2.82 -28.80
CA GLN C 28 12.35 -4.09 -28.82
C GLN C 28 13.39 -4.14 -27.72
N ARG C 29 13.84 -2.96 -27.27
CA ARG C 29 14.90 -2.91 -26.31
C ARG C 29 14.74 -1.79 -25.28
N ILE C 30 15.10 -2.08 -24.04
CA ILE C 30 15.21 -1.06 -23.01
C ILE C 30 16.70 -0.81 -22.85
N ILE C 31 17.13 0.41 -23.12
CA ILE C 31 18.55 0.73 -22.96
C ILE C 31 18.73 1.69 -21.80
N ILE C 32 19.43 1.26 -20.77
CA ILE C 32 19.74 2.13 -19.65
C ILE C 32 21.02 2.89 -20.02
N CYS C 33 20.93 4.21 -20.08
CA CYS C 33 22.04 5.06 -20.45
C CYS C 33 22.61 5.72 -19.20
N ASN C 34 23.70 5.17 -18.69
CA ASN C 34 24.34 5.67 -17.48
C ASN C 34 25.73 5.09 -17.32
N ASP C 35 26.71 5.97 -17.18
CA ASP C 35 28.10 5.56 -17.09
C ASP C 35 28.37 4.72 -15.87
N ASP C 36 27.77 5.11 -14.75
CA ASP C 36 28.04 4.48 -13.46
C ASP C 36 27.32 3.14 -13.30
N VAL C 37 26.07 3.05 -13.75
CA VAL C 37 25.34 1.80 -13.71
C VAL C 37 26.05 0.76 -14.57
N PHE C 38 26.56 1.20 -15.72
CA PHE C 38 27.33 0.32 -16.59
C PHE C 38 28.49 -0.30 -15.83
N ASN C 39 29.02 0.42 -14.85
CA ASN C 39 30.17 -0.06 -14.10
C ASN C 39 29.82 -0.94 -12.91
N ASP C 40 28.53 -1.14 -12.66
CA ASP C 40 28.07 -1.97 -11.55
C ASP C 40 27.54 -3.30 -12.08
N GLU C 41 28.31 -4.36 -11.83
CA GLU C 41 28.00 -5.69 -12.34
C GLU C 41 26.72 -6.31 -11.76
N VAL C 42 26.53 -6.17 -10.46
CA VAL C 42 25.35 -6.72 -9.80
C VAL C 42 24.07 -6.03 -10.29
N ARG C 43 24.09 -4.71 -10.33
CA ARG C 43 22.94 -3.93 -10.80
C ARG C 43 22.59 -4.30 -12.24
N ARG C 44 23.63 -4.43 -13.05
CA ARG C 44 23.48 -4.76 -14.45
C ARG C 44 22.79 -6.12 -14.60
N THR C 45 23.17 -7.05 -13.74
CA THR C 45 22.57 -8.38 -13.74
C THR C 45 21.10 -8.31 -13.32
N LEU C 46 20.82 -7.51 -12.29
CA LEU C 46 19.45 -7.34 -11.83
C LEU C 46 18.58 -6.76 -12.94
N LEU C 47 19.14 -5.83 -13.70
CA LEU C 47 18.39 -5.19 -14.78
C LEU C 47 18.01 -6.21 -15.85
N ARG C 48 18.99 -6.98 -16.29
CA ARG C 48 18.73 -8.04 -17.27
C ARG C 48 17.64 -9.00 -16.81
N GLN C 49 17.71 -9.45 -15.55
CA GLN C 49 16.73 -10.42 -15.07
C GLN C 49 15.36 -9.81 -14.79
N ALA C 50 15.29 -8.49 -14.73
CA ALA C 50 14.02 -7.79 -14.51
C ALA C 50 13.40 -7.37 -15.85
N ALA C 51 14.00 -7.81 -16.94
CA ALA C 51 13.48 -7.51 -18.26
C ALA C 51 12.02 -7.93 -18.34
N PRO C 52 11.15 -7.02 -18.77
CA PRO C 52 9.77 -7.41 -19.02
C PRO C 52 9.73 -8.51 -20.08
N PRO C 53 8.84 -9.47 -19.95
CA PRO C 53 8.71 -10.54 -20.95
C PRO C 53 8.82 -10.04 -22.38
N GLY C 54 9.68 -10.68 -23.16
CA GLY C 54 9.84 -10.34 -24.57
C GLY C 54 10.82 -9.22 -24.88
N MET C 55 11.31 -8.54 -23.84
CA MET C 55 12.19 -7.39 -24.05
C MET C 55 13.65 -7.69 -23.79
N LYS C 56 14.51 -7.06 -24.58
CA LYS C 56 15.94 -7.12 -24.34
C LYS C 56 16.25 -5.90 -23.46
N VAL C 57 17.24 -6.04 -22.58
CA VAL C 57 17.68 -4.94 -21.73
C VAL C 57 19.20 -4.82 -21.89
N ASN C 58 19.65 -3.61 -22.20
CA ASN C 58 21.07 -3.31 -22.33
C ASN C 58 21.43 -2.13 -21.42
N VAL C 59 22.55 -2.24 -20.72
CA VAL C 59 23.06 -1.14 -19.90
C VAL C 59 24.28 -0.67 -20.65
N VAL C 60 24.36 0.63 -20.92
CA VAL C 60 25.48 1.18 -21.67
C VAL C 60 25.91 2.54 -21.12
N SER C 61 27.15 2.86 -21.40
CA SER C 61 27.69 4.17 -21.06
C SER C 61 27.08 5.18 -22.01
N LEU C 62 27.20 6.45 -21.67
CA LEU C 62 26.71 7.49 -22.55
C LEU C 62 27.41 7.40 -23.90
N GLU C 63 28.72 7.18 -23.88
CA GLU C 63 29.52 7.08 -25.09
C GLU C 63 29.00 5.97 -25.98
N LYS C 64 28.75 4.81 -25.38
CA LYS C 64 28.25 3.69 -26.13
C LYS C 64 26.83 3.93 -26.60
N ALA C 65 26.02 4.60 -25.78
CA ALA C 65 24.65 4.92 -26.15
C ALA C 65 24.62 5.72 -27.44
N VAL C 66 25.44 6.76 -27.51
CA VAL C 66 25.57 7.57 -28.72
C VAL C 66 26.10 6.75 -29.90
N ALA C 67 27.12 5.92 -29.65
CA ALA C 67 27.71 5.10 -30.70
C ALA C 67 26.69 4.16 -31.33
N VAL C 68 25.99 3.41 -30.49
CA VAL C 68 25.01 2.46 -30.99
C VAL C 68 23.85 3.18 -31.68
N TYR C 69 23.48 4.35 -31.16
CA TYR C 69 22.38 5.12 -31.76
C TYR C 69 22.70 5.46 -33.20
N HIS C 70 23.97 5.78 -33.47
CA HIS C 70 24.41 6.17 -34.82
C HIS C 70 24.82 5.01 -35.71
N ASN C 71 24.72 3.79 -35.21
CA ASN C 71 25.07 2.61 -36.00
C ASN C 71 23.92 2.17 -36.89
N PRO C 72 24.12 2.24 -38.21
CA PRO C 72 23.07 1.84 -39.15
C PRO C 72 22.49 0.46 -38.86
N GLN C 73 23.27 -0.43 -38.24
CA GLN C 73 22.79 -1.77 -37.87
C GLN C 73 21.47 -1.69 -37.12
N TYR C 74 21.33 -0.68 -36.27
CA TYR C 74 20.15 -0.54 -35.43
C TYR C 74 19.19 0.53 -35.94
N GLN C 75 19.26 0.83 -37.24
CA GLN C 75 18.48 1.91 -37.83
C GLN C 75 16.99 1.89 -37.46
N ASP C 76 16.35 0.74 -37.63
CA ASP C 76 14.92 0.62 -37.35
C ASP C 76 14.60 0.00 -36.00
N GLU C 77 15.62 -0.26 -35.20
CA GLU C 77 15.42 -0.82 -33.87
C GLU C 77 14.60 0.16 -33.02
N THR C 78 13.56 -0.33 -32.33
CA THR C 78 12.74 0.55 -31.49
C THR C 78 13.28 0.50 -30.06
N VAL C 79 13.38 1.66 -29.43
CA VAL C 79 14.03 1.76 -28.13
C VAL C 79 13.29 2.56 -27.07
N PHE C 80 13.39 2.04 -25.84
CA PHE C 80 12.86 2.67 -24.64
C PHE C 80 14.09 3.01 -23.79
N TYR C 81 14.42 4.31 -23.70
CA TYR C 81 15.58 4.75 -22.90
C TYR C 81 15.22 4.99 -21.44
N LEU C 82 16.11 4.57 -20.55
CA LEU C 82 16.01 4.90 -19.14
C LEU C 82 17.25 5.69 -18.74
N PHE C 83 17.02 6.83 -18.06
CA PHE C 83 18.05 7.68 -17.53
C PHE C 83 17.77 7.89 -16.05
N THR C 84 18.79 8.25 -15.29
CA THR C 84 18.60 8.57 -13.87
C THR C 84 18.53 10.06 -13.61
N ASN C 85 18.86 10.88 -14.60
CA ASN C 85 18.94 12.34 -14.42
C ASN C 85 18.86 13.09 -15.75
N PRO C 86 18.59 14.40 -15.73
CA PRO C 86 18.46 15.15 -16.99
C PRO C 86 19.78 15.49 -17.69
N HIS C 87 20.85 15.51 -16.92
CA HIS C 87 22.16 15.90 -17.43
C HIS C 87 22.63 14.95 -18.51
N ASP C 88 22.36 13.67 -18.30
CA ASP C 88 22.75 12.65 -19.26
C ASP C 88 21.91 12.74 -20.53
N VAL C 89 20.65 13.11 -20.40
CA VAL C 89 19.80 13.27 -21.57
C VAL C 89 20.38 14.39 -22.42
N LEU C 90 20.68 15.53 -21.78
CA LEU C 90 21.22 16.69 -22.47
C LEU C 90 22.51 16.34 -23.20
N THR C 91 23.39 15.60 -22.51
CA THR C 91 24.63 15.19 -23.10
C THR C 91 24.38 14.45 -24.42
N MET C 92 23.42 13.53 -24.42
CA MET C 92 23.18 12.74 -25.62
C MET C 92 22.48 13.53 -26.71
N VAL C 93 21.51 14.35 -26.33
CA VAL C 93 20.80 15.18 -27.29
C VAL C 93 21.75 16.05 -28.11
N ARG C 94 22.76 16.59 -27.44
CA ARG C 94 23.75 17.45 -28.08
C ARG C 94 24.65 16.69 -29.05
N GLN C 95 24.63 15.37 -28.95
CA GLN C 95 25.44 14.54 -29.82
C GLN C 95 24.59 13.84 -30.86
N GLY C 96 23.45 14.44 -31.20
CA GLY C 96 22.62 13.96 -32.29
C GLY C 96 21.55 12.94 -31.98
N VAL C 97 21.44 12.53 -30.72
CA VAL C 97 20.38 11.60 -30.35
C VAL C 97 19.06 12.37 -30.32
N GLN C 98 18.16 12.03 -31.23
CA GLN C 98 16.91 12.77 -31.35
C GLN C 98 15.85 12.32 -30.36
N ILE C 99 15.68 13.09 -29.30
CA ILE C 99 14.66 12.78 -28.30
C ILE C 99 13.65 13.92 -28.35
N ALA C 100 12.51 13.65 -28.96
CA ALA C 100 11.46 14.66 -29.16
C ALA C 100 10.76 14.98 -27.86
N THR C 101 10.46 13.95 -27.06
CA THR C 101 9.89 14.22 -25.75
C THR C 101 10.53 13.36 -24.69
N LEU C 102 10.61 13.92 -23.49
CA LEU C 102 11.26 13.29 -22.36
C LEU C 102 10.25 13.15 -21.22
N ASN C 103 9.99 11.91 -20.83
CA ASN C 103 9.14 11.63 -19.70
C ASN C 103 9.94 11.71 -18.40
N ILE C 104 9.45 12.51 -17.45
CA ILE C 104 10.09 12.59 -16.16
C ILE C 104 9.25 11.78 -15.18
N GLY C 105 9.81 10.66 -14.71
CA GLY C 105 9.04 9.75 -13.88
C GLY C 105 9.44 9.66 -12.43
N GLY C 106 10.73 9.68 -12.14
CA GLY C 106 11.20 9.52 -10.77
C GLY C 106 12.60 10.03 -10.49
N MET C 107 12.69 11.03 -9.63
CA MET C 107 13.98 11.55 -9.20
C MET C 107 13.90 11.64 -7.69
N ALA C 108 14.57 10.70 -7.04
CA ALA C 108 14.49 10.53 -5.60
C ALA C 108 15.06 11.68 -4.82
N TRP C 109 14.46 11.93 -3.67
CA TRP C 109 14.97 12.96 -2.79
C TRP C 109 16.22 12.44 -2.13
N ARG C 110 17.27 13.22 -2.20
CA ARG C 110 18.49 12.91 -1.47
C ARG C 110 19.15 14.24 -1.18
N PRO C 111 19.63 14.41 0.05
CA PRO C 111 20.20 15.66 0.55
C PRO C 111 20.91 16.54 -0.46
N GLY C 112 20.47 17.79 -0.56
CA GLY C 112 20.99 18.74 -1.51
C GLY C 112 19.93 19.03 -2.57
N LYS C 113 18.89 18.20 -2.59
CA LYS C 113 17.77 18.37 -3.50
C LYS C 113 16.57 18.88 -2.72
N LYS C 114 15.62 19.49 -3.42
CA LYS C 114 14.36 19.91 -2.81
C LYS C 114 13.19 19.26 -3.59
N GLN C 115 12.20 18.78 -2.86
CA GLN C 115 11.07 18.12 -3.49
C GLN C 115 10.20 19.08 -4.29
N LEU C 116 9.82 18.67 -5.51
CA LEU C 116 8.97 19.46 -6.41
C LEU C 116 7.57 18.83 -6.47
N THR C 117 7.53 17.53 -6.70
CA THR C 117 6.30 16.74 -6.65
C THR C 117 6.61 15.52 -5.80
N LYS C 118 5.62 14.66 -5.62
CA LYS C 118 5.77 13.46 -4.80
C LYS C 118 6.90 12.57 -5.30
N ALA C 119 7.12 12.54 -6.61
CA ALA C 119 8.09 11.60 -7.16
C ALA C 119 9.32 12.24 -7.77
N VAL C 120 9.38 13.57 -7.78
CA VAL C 120 10.49 14.28 -8.39
C VAL C 120 11.09 15.38 -7.51
N SER C 121 12.34 15.21 -7.12
CA SER C 121 13.05 16.21 -6.33
C SER C 121 14.19 16.76 -7.18
N LEU C 122 14.47 18.05 -7.02
CA LEU C 122 15.46 18.70 -7.86
C LEU C 122 16.32 19.68 -7.14
N ASP C 123 17.51 19.89 -7.68
CA ASP C 123 18.35 20.99 -7.22
C ASP C 123 18.41 21.98 -8.39
N PRO C 124 19.03 23.13 -8.16
CA PRO C 124 19.16 24.15 -9.21
C PRO C 124 19.86 23.66 -10.48
N GLN C 125 20.81 22.74 -10.33
CA GLN C 125 21.53 22.19 -11.46
C GLN C 125 20.54 21.40 -12.30
N ASP C 126 19.69 20.62 -11.63
CA ASP C 126 18.70 19.81 -12.33
C ASP C 126 17.77 20.73 -13.06
N ILE C 127 17.34 21.79 -12.40
CA ILE C 127 16.41 22.70 -13.01
C ILE C 127 17.01 23.28 -14.29
N GLN C 128 18.28 23.65 -14.20
CA GLN C 128 18.98 24.25 -15.34
C GLN C 128 19.01 23.31 -16.54
N ALA C 129 19.33 22.05 -16.29
CA ALA C 129 19.38 21.05 -17.36
C ALA C 129 18.02 20.93 -18.06
N PHE C 130 16.94 20.97 -17.29
CA PHE C 130 15.62 20.91 -17.89
C PHE C 130 15.36 22.13 -18.77
N ARG C 131 15.81 23.31 -18.34
CA ARG C 131 15.63 24.51 -19.14
C ARG C 131 16.42 24.40 -20.44
N GLU C 132 17.64 23.84 -20.36
CA GLU C 132 18.46 23.68 -21.55
C GLU C 132 17.83 22.66 -22.50
N LEU C 133 17.23 21.60 -21.97
CA LEU C 133 16.57 20.60 -22.81
C LEU C 133 15.41 21.27 -23.56
N ASP C 134 14.66 22.10 -22.87
CA ASP C 134 13.55 22.83 -23.45
C ASP C 134 14.03 23.77 -24.56
N LYS C 135 15.13 24.47 -24.32
CA LYS C 135 15.72 25.37 -25.33
C LYS C 135 16.03 24.61 -26.62
N LEU C 136 16.33 23.32 -26.50
CA LEU C 136 16.68 22.51 -27.67
C LEU C 136 15.47 21.85 -28.35
N GLY C 137 14.28 22.16 -27.85
CA GLY C 137 13.03 21.68 -28.41
C GLY C 137 12.55 20.35 -27.84
N VAL C 138 13.16 19.89 -26.76
CA VAL C 138 12.73 18.63 -26.16
C VAL C 138 11.51 18.91 -25.31
N LYS C 139 10.41 18.20 -25.57
CA LYS C 139 9.19 18.40 -24.82
C LYS C 139 9.32 17.62 -23.52
N LEU C 140 8.98 18.27 -22.42
CA LEU C 140 9.13 17.69 -21.09
C LEU C 140 7.79 17.28 -20.51
N ASP C 141 7.63 15.99 -20.29
CA ASP C 141 6.39 15.42 -19.80
C ASP C 141 6.59 14.83 -18.39
N LEU C 142 5.88 15.34 -17.41
CA LEU C 142 6.00 14.81 -16.06
C LEU C 142 4.84 13.86 -15.72
N ARG C 143 5.13 12.57 -15.66
CA ARG C 143 4.14 11.57 -15.22
C ARG C 143 4.77 10.31 -14.66
N VAL C 144 4.26 9.92 -13.50
CA VAL C 144 4.75 8.74 -12.81
C VAL C 144 4.30 7.49 -13.53
N VAL C 145 3.01 7.42 -13.83
CA VAL C 145 2.42 6.28 -14.52
C VAL C 145 1.87 6.75 -15.87
N ALA C 146 1.94 5.88 -16.86
CA ALA C 146 1.62 6.26 -18.23
C ALA C 146 0.26 6.93 -18.41
N SER C 147 -0.73 6.50 -17.63
CA SER C 147 -2.11 6.99 -17.76
C SER C 147 -2.34 8.34 -17.08
N ASP C 148 -1.37 8.79 -16.28
CA ASP C 148 -1.50 10.07 -15.59
C ASP C 148 -1.53 11.25 -16.56
N PRO C 149 -2.27 12.30 -16.21
CA PRO C 149 -2.29 13.52 -17.01
C PRO C 149 -0.89 14.09 -17.00
N SER C 150 -0.39 14.58 -18.11
CA SER C 150 0.95 15.15 -18.12
C SER C 150 0.93 16.50 -17.43
N VAL C 151 2.06 16.83 -16.84
CA VAL C 151 2.25 18.10 -16.17
C VAL C 151 3.48 18.70 -16.78
N ASN C 152 3.45 20.00 -17.02
CA ASN C 152 4.65 20.66 -17.53
C ASN C 152 5.55 21.02 -16.35
N ILE C 153 6.72 20.40 -16.31
CA ILE C 153 7.67 20.57 -15.22
C ILE C 153 8.20 22.00 -15.09
N LEU C 154 8.40 22.68 -16.21
CA LEU C 154 8.91 24.04 -16.17
C LEU C 154 7.89 25.01 -15.56
N ASP C 155 6.63 24.81 -15.90
CA ASP C 155 5.54 25.59 -15.34
C ASP C 155 5.52 25.35 -13.83
N LYS C 156 5.64 24.09 -13.45
CA LYS C 156 5.66 23.66 -12.06
C LYS C 156 6.85 24.27 -11.33
N ILE C 157 8.02 24.23 -11.94
CA ILE C 157 9.20 24.85 -11.35
C ILE C 157 9.03 26.36 -11.17
N ASN C 158 8.46 27.02 -12.18
CA ASN C 158 8.31 28.48 -12.18
C ASN C 158 7.32 28.98 -11.14
N GLU C 159 6.55 28.07 -10.57
CA GLU C 159 5.63 28.36 -9.49
C GLU C 159 6.43 28.90 -8.28
N THR C 160 7.68 28.47 -8.11
CA THR C 160 8.45 28.81 -6.92
C THR C 160 9.91 29.26 -7.12
N ALA C 161 10.33 29.40 -8.38
CA ALA C 161 11.68 29.90 -8.64
C ALA C 161 11.62 30.95 -9.73
N PHE C 162 12.59 31.86 -9.76
CA PHE C 162 12.63 32.88 -10.81
C PHE C 162 12.89 32.19 -12.16
N CYS C 163 12.54 32.89 -13.25
CA CYS C 163 12.76 32.40 -14.61
C CYS C 163 11.49 31.78 -15.15
N MET D 1 12.13 4.51 26.50
CA MET D 1 11.62 4.04 25.17
C MET D 1 11.98 2.58 24.89
N GLN D 2 10.98 1.82 24.47
CA GLN D 2 11.16 0.45 23.99
C GLN D 2 11.19 0.46 22.45
N ILE D 3 12.33 0.11 21.86
CA ILE D 3 12.46 0.08 20.41
C ILE D 3 12.04 -1.30 19.93
N THR D 4 10.91 -1.37 19.25
CA THR D 4 10.39 -2.66 18.82
C THR D 4 10.80 -3.00 17.40
N LEU D 5 11.26 -1.99 16.66
CA LEU D 5 11.69 -2.16 15.27
C LEU D 5 12.61 -0.99 14.94
N ALA D 6 13.72 -1.30 14.29
CA ALA D 6 14.67 -0.30 13.81
C ALA D 6 15.02 -0.71 12.39
N ARG D 7 14.74 0.17 11.44
CA ARG D 7 14.88 -0.17 10.03
C ARG D 7 15.55 0.89 9.17
N ILE D 8 16.52 0.47 8.36
CA ILE D 8 17.12 1.33 7.37
C ILE D 8 16.28 1.21 6.10
N ASP D 9 15.63 2.30 5.72
CA ASP D 9 14.82 2.32 4.53
C ASP D 9 14.80 3.76 4.06
N ASP D 10 15.63 4.01 3.04
CA ASP D 10 15.79 5.29 2.34
C ASP D 10 14.57 6.07 1.95
N ARG D 11 13.49 5.33 1.70
CA ARG D 11 12.25 5.89 1.22
C ARG D 11 11.29 6.16 2.37
N LEU D 12 11.76 5.88 3.57
CA LEU D 12 11.06 6.19 4.81
C LEU D 12 9.64 5.64 4.82
N ILE D 13 8.64 6.49 4.77
CA ILE D 13 7.28 5.99 4.74
C ILE D 13 6.84 5.93 3.29
N HIS D 14 6.58 4.73 2.78
CA HIS D 14 6.19 4.59 1.39
C HIS D 14 5.14 3.49 1.18
N GLY D 15 3.87 3.87 1.34
CA GLY D 15 2.75 2.98 1.09
C GLY D 15 2.67 1.74 1.93
N GLN D 16 2.10 0.69 1.34
CA GLN D 16 1.78 -0.53 2.06
C GLN D 16 2.95 -1.17 2.79
N VAL D 17 4.14 -1.11 2.23
CA VAL D 17 5.30 -1.75 2.86
C VAL D 17 5.55 -1.20 4.26
N THR D 18 5.52 0.11 4.42
CA THR D 18 5.75 0.70 5.73
C THR D 18 4.62 0.36 6.66
N THR D 19 3.42 0.31 6.13
CA THR D 19 2.26 -0.02 6.95
C THR D 19 2.35 -1.46 7.46
N VAL D 20 2.80 -2.39 6.63
CA VAL D 20 2.99 -3.77 7.11
C VAL D 20 4.06 -3.79 8.20
N TRP D 21 5.18 -3.11 7.98
CA TRP D 21 6.25 -3.08 8.97
C TRP D 21 5.74 -2.46 10.29
N SER D 22 4.89 -1.46 10.19
CA SER D 22 4.31 -0.83 11.37
C SER D 22 3.46 -1.84 12.16
N LYS D 23 2.71 -2.67 11.43
CA LYS D 23 1.89 -3.70 12.08
C LYS D 23 2.80 -4.72 12.77
N VAL D 24 3.94 -5.01 12.15
CA VAL D 24 4.92 -5.91 12.74
C VAL D 24 5.48 -5.28 14.01
N ALA D 25 5.76 -3.98 13.97
CA ALA D 25 6.36 -3.27 15.11
C ALA D 25 5.43 -3.15 16.31
N ASN D 26 4.13 -3.00 16.06
CA ASN D 26 3.14 -2.79 17.12
C ASN D 26 3.62 -1.69 18.08
N ALA D 27 4.01 -0.55 17.50
CA ALA D 27 4.54 0.59 18.24
C ALA D 27 3.54 1.73 18.28
N GLN D 28 3.79 2.70 19.16
CA GLN D 28 2.93 3.87 19.25
C GLN D 28 3.41 4.98 18.33
N ARG D 29 4.71 5.03 18.08
CA ARG D 29 5.31 6.13 17.36
C ARG D 29 6.38 5.67 16.38
N ILE D 30 6.40 6.29 15.20
CA ILE D 30 7.47 6.10 14.23
C ILE D 30 8.37 7.31 14.38
N ILE D 31 9.65 7.08 14.63
CA ILE D 31 10.61 8.16 14.77
C ILE D 31 11.62 8.06 13.64
N ILE D 32 11.59 9.04 12.75
CA ILE D 32 12.51 9.11 11.64
C ILE D 32 13.72 9.87 12.14
N CYS D 33 14.88 9.21 12.18
CA CYS D 33 16.09 9.83 12.71
C CYS D 33 17.03 10.21 11.59
N ASN D 34 17.05 11.50 11.25
CA ASN D 34 17.87 12.00 10.17
C ASN D 34 17.94 13.53 10.20
N ASP D 35 19.16 14.04 10.35
CA ASP D 35 19.37 15.49 10.41
C ASP D 35 18.82 16.20 9.18
N ASP D 36 19.16 15.72 7.98
CA ASP D 36 18.78 16.41 6.76
C ASP D 36 17.28 16.42 6.52
N VAL D 37 16.62 15.29 6.79
CA VAL D 37 15.17 15.22 6.61
C VAL D 37 14.54 16.19 7.58
N PHE D 38 15.06 16.22 8.81
CA PHE D 38 14.53 17.10 9.83
C PHE D 38 14.56 18.55 9.36
N ASN D 39 15.57 18.90 8.56
CA ASN D 39 15.72 20.28 8.10
C ASN D 39 15.00 20.61 6.80
N ASP D 40 14.29 19.63 6.26
CA ASP D 40 13.50 19.81 5.04
C ASP D 40 12.02 19.90 5.39
N GLU D 41 11.45 21.10 5.29
CA GLU D 41 10.06 21.34 5.68
C GLU D 41 9.06 20.52 4.89
N VAL D 42 9.15 20.54 3.57
CA VAL D 42 8.20 19.82 2.73
C VAL D 42 8.24 18.33 3.05
N ARG D 43 9.43 17.74 3.02
CA ARG D 43 9.57 16.32 3.30
C ARG D 43 9.01 15.96 4.67
N ARG D 44 9.40 16.73 5.67
CA ARG D 44 8.97 16.51 7.04
C ARG D 44 7.45 16.52 7.16
N THR D 45 6.82 17.39 6.37
CA THR D 45 5.36 17.51 6.36
C THR D 45 4.75 16.30 5.71
N LEU D 46 5.25 15.95 4.53
CA LEU D 46 4.76 14.77 3.82
C LEU D 46 4.77 13.59 4.79
N LEU D 47 5.88 13.42 5.49
CA LEU D 47 6.04 12.29 6.40
C LEU D 47 4.97 12.24 7.47
N ARG D 48 4.73 13.38 8.12
CA ARG D 48 3.72 13.44 9.17
C ARG D 48 2.35 13.07 8.63
N GLN D 49 2.00 13.61 7.46
CA GLN D 49 0.69 13.29 6.88
C GLN D 49 0.64 11.89 6.29
N ALA D 50 1.80 11.27 6.10
CA ALA D 50 1.86 9.91 5.57
C ALA D 50 1.79 8.86 6.68
N ALA D 51 1.60 9.34 7.92
CA ALA D 51 1.53 8.47 9.08
C ALA D 51 0.54 7.33 8.86
N PRO D 52 0.99 6.09 8.98
CA PRO D 52 0.06 4.96 8.89
C PRO D 52 -1.05 5.15 9.92
N PRO D 53 -2.28 4.76 9.58
CA PRO D 53 -3.39 4.83 10.52
C PRO D 53 -3.02 4.29 11.90
N GLY D 54 -3.34 5.06 12.93
CA GLY D 54 -3.10 4.65 14.30
C GLY D 54 -1.73 5.03 14.84
N MET D 55 -0.85 5.53 13.96
CA MET D 55 0.52 5.83 14.35
C MET D 55 0.81 7.31 14.45
N LYS D 56 1.66 7.67 15.41
CA LYS D 56 2.21 9.00 15.49
C LYS D 56 3.51 8.93 14.70
N VAL D 57 3.90 10.05 14.09
CA VAL D 57 5.14 10.13 13.34
C VAL D 57 5.91 11.38 13.75
N ASN D 58 7.18 11.20 14.06
CA ASN D 58 8.05 12.30 14.45
C ASN D 58 9.35 12.22 13.66
N VAL D 59 9.78 13.37 13.12
CA VAL D 59 11.04 13.45 12.42
C VAL D 59 11.98 14.21 13.35
N VAL D 60 13.11 13.60 13.70
CA VAL D 60 14.07 14.24 14.59
C VAL D 60 15.51 14.15 14.09
N SER D 61 16.33 15.04 14.61
CA SER D 61 17.76 15.01 14.39
C SER D 61 18.32 13.88 15.24
N LEU D 62 19.54 13.47 14.93
CA LEU D 62 20.21 12.45 15.71
C LEU D 62 20.37 12.91 17.16
N GLU D 63 20.69 14.19 17.35
CA GLU D 63 20.81 14.75 18.70
C GLU D 63 19.52 14.60 19.49
N LYS D 64 18.41 14.99 18.87
CA LYS D 64 17.11 14.90 19.52
C LYS D 64 16.66 13.46 19.74
N ALA D 65 16.97 12.58 18.80
CA ALA D 65 16.63 11.17 18.93
C ALA D 65 17.21 10.64 20.23
N VAL D 66 18.48 10.91 20.43
CA VAL D 66 19.20 10.45 21.62
C VAL D 66 18.62 11.10 22.85
N ALA D 67 18.31 12.39 22.74
CA ALA D 67 17.78 13.15 23.86
C ALA D 67 16.42 12.63 24.32
N VAL D 68 15.53 12.42 23.37
CA VAL D 68 14.19 11.94 23.68
C VAL D 68 14.23 10.50 24.18
N TYR D 69 15.12 9.69 23.61
CA TYR D 69 15.32 8.31 24.06
C TYR D 69 15.64 8.27 25.56
N HIS D 70 16.45 9.22 26.03
CA HIS D 70 16.86 9.23 27.44
C HIS D 70 15.92 10.00 28.35
N ASN D 71 14.82 10.49 27.81
CA ASN D 71 13.84 11.23 28.61
C ASN D 71 12.84 10.27 29.23
N PRO D 72 12.84 10.19 30.56
CA PRO D 72 11.92 9.30 31.29
C PRO D 72 10.44 9.51 30.94
N GLN D 73 10.09 10.67 30.38
CA GLN D 73 8.70 10.91 30.00
C GLN D 73 8.24 9.83 29.01
N TYR D 74 9.17 9.32 28.21
CA TYR D 74 8.85 8.33 27.19
C TYR D 74 9.43 6.95 27.53
N GLN D 75 9.53 6.66 28.82
CA GLN D 75 10.10 5.40 29.30
C GLN D 75 9.46 4.16 28.68
N ASP D 76 8.14 4.07 28.75
CA ASP D 76 7.43 2.90 28.24
C ASP D 76 6.87 3.07 26.82
N GLU D 77 7.26 4.15 26.14
CA GLU D 77 6.76 4.37 24.79
C GLU D 77 7.38 3.35 23.81
N THR D 78 6.55 2.72 22.98
CA THR D 78 7.07 1.77 22.00
C THR D 78 7.37 2.50 20.69
N VAL D 79 8.53 2.20 20.11
CA VAL D 79 9.00 2.95 18.95
C VAL D 79 9.50 2.09 17.78
N PHE D 80 9.16 2.58 16.58
CA PHE D 80 9.62 2.03 15.30
C PHE D 80 10.53 3.14 14.73
N TYR D 81 11.85 2.91 14.80
CA TYR D 81 12.81 3.86 14.23
C TYR D 81 12.97 3.67 12.73
N LEU D 82 13.08 4.75 11.99
CA LEU D 82 13.44 4.67 10.57
C LEU D 82 14.72 5.45 10.34
N PHE D 83 15.68 4.84 9.64
CA PHE D 83 16.94 5.48 9.28
C PHE D 83 17.14 5.42 7.75
N THR D 84 18.07 6.24 7.23
CA THR D 84 18.41 6.18 5.81
C THR D 84 19.76 5.55 5.57
N ASN D 85 20.55 5.32 6.61
CA ASN D 85 21.89 4.77 6.46
C ASN D 85 22.37 4.20 7.78
N PRO D 86 23.41 3.36 7.76
CA PRO D 86 23.93 2.74 8.99
C PRO D 86 24.80 3.65 9.85
N HIS D 87 25.33 4.72 9.29
CA HIS D 87 26.18 5.64 10.06
C HIS D 87 25.40 6.31 11.17
N ASP D 88 24.17 6.69 10.86
CA ASP D 88 23.31 7.35 11.83
C ASP D 88 22.93 6.37 12.94
N VAL D 89 22.79 5.10 12.57
CA VAL D 89 22.42 4.09 13.55
C VAL D 89 23.61 3.95 14.50
N LEU D 90 24.79 3.82 13.91
CA LEU D 90 26.00 3.67 14.69
C LEU D 90 26.18 4.84 15.65
N THR D 91 25.93 6.06 15.17
CA THR D 91 26.07 7.25 15.98
C THR D 91 25.25 7.19 17.26
N MET D 92 23.99 6.76 17.12
CA MET D 92 23.08 6.69 18.26
C MET D 92 23.40 5.50 19.19
N VAL D 93 23.80 4.38 18.63
CA VAL D 93 24.10 3.21 19.46
C VAL D 93 25.24 3.55 20.41
N ARG D 94 26.19 4.34 19.92
CA ARG D 94 27.34 4.74 20.70
C ARG D 94 26.96 5.70 21.83
N GLN D 95 25.76 6.28 21.75
CA GLN D 95 25.32 7.20 22.77
C GLN D 95 24.28 6.57 23.69
N GLY D 96 24.23 5.24 23.75
CA GLY D 96 23.34 4.54 24.66
C GLY D 96 22.02 4.01 24.12
N VAL D 97 21.70 4.33 22.88
CA VAL D 97 20.45 3.86 22.30
C VAL D 97 20.57 2.37 22.02
N GLN D 98 19.83 1.58 22.79
CA GLN D 98 19.89 0.12 22.68
C GLN D 98 19.06 -0.41 21.53
N ILE D 99 19.75 -0.91 20.51
CA ILE D 99 19.12 -1.50 19.34
C ILE D 99 19.66 -2.92 19.22
N ALA D 100 18.86 -3.91 19.58
CA ALA D 100 19.30 -5.31 19.55
C ALA D 100 19.43 -5.86 18.11
N THR D 101 18.45 -5.56 17.27
CA THR D 101 18.57 -5.95 15.87
C THR D 101 18.12 -4.83 14.94
N LEU D 102 18.84 -4.71 13.84
CA LEU D 102 18.64 -3.66 12.86
C LEU D 102 18.19 -4.30 11.57
N ASN D 103 16.98 -3.96 11.16
CA ASN D 103 16.45 -4.41 9.89
C ASN D 103 16.99 -3.50 8.78
N ILE D 104 17.51 -4.12 7.72
CA ILE D 104 17.99 -3.40 6.55
C ILE D 104 17.02 -3.69 5.44
N GLY D 105 16.34 -2.66 4.97
CA GLY D 105 15.33 -2.84 3.94
C GLY D 105 15.56 -2.09 2.65
N GLY D 106 16.17 -0.92 2.71
CA GLY D 106 16.36 -0.16 1.50
C GLY D 106 17.42 0.90 1.56
N MET D 107 18.46 0.68 0.77
CA MET D 107 19.54 1.65 0.61
C MET D 107 19.69 1.82 -0.91
N ALA D 108 19.14 2.91 -1.41
CA ALA D 108 19.07 3.14 -2.85
C ALA D 108 20.44 3.33 -3.50
N TRP D 109 20.55 2.80 -4.70
CA TRP D 109 21.77 2.91 -5.47
C TRP D 109 21.96 4.33 -5.98
N ARG D 110 23.21 4.78 -5.94
CA ARG D 110 23.57 6.05 -6.54
C ARG D 110 25.05 5.92 -6.89
N PRO D 111 25.53 6.78 -7.79
CA PRO D 111 26.94 6.71 -8.18
C PRO D 111 27.84 6.65 -6.96
N GLY D 112 28.83 5.78 -6.97
CA GLY D 112 29.71 5.61 -5.82
C GLY D 112 29.37 4.37 -5.03
N LYS D 113 28.13 3.92 -5.15
CA LYS D 113 27.67 2.72 -4.47
C LYS D 113 27.76 1.52 -5.40
N LYS D 114 27.87 0.34 -4.81
CA LYS D 114 27.88 -0.90 -5.59
C LYS D 114 26.75 -1.77 -5.06
N GLN D 115 25.93 -2.29 -5.96
CA GLN D 115 24.78 -3.09 -5.56
C GLN D 115 25.17 -4.40 -4.90
N LEU D 116 24.54 -4.68 -3.77
CA LEU D 116 24.74 -5.93 -3.06
C LEU D 116 23.63 -6.91 -3.41
N THR D 117 22.39 -6.46 -3.25
CA THR D 117 21.19 -7.22 -3.58
C THR D 117 20.15 -6.24 -4.06
N LYS D 118 19.01 -6.75 -4.50
CA LYS D 118 17.93 -5.84 -4.85
C LYS D 118 17.66 -4.98 -3.63
N ALA D 119 17.48 -3.68 -3.86
CA ALA D 119 17.14 -2.74 -2.78
C ALA D 119 18.26 -2.32 -1.82
N VAL D 120 19.43 -2.96 -1.88
CA VAL D 120 20.53 -2.57 -0.98
C VAL D 120 21.85 -2.41 -1.74
N SER D 121 22.31 -1.16 -1.83
CA SER D 121 23.57 -0.84 -2.49
C SER D 121 24.44 -0.14 -1.47
N LEU D 122 25.74 -0.41 -1.50
CA LEU D 122 26.67 0.08 -0.49
C LEU D 122 28.01 0.55 -1.04
N ASP D 123 28.72 1.31 -0.21
CA ASP D 123 30.11 1.67 -0.49
C ASP D 123 30.95 1.16 0.70
N PRO D 124 32.26 1.20 0.61
CA PRO D 124 33.11 0.72 1.71
C PRO D 124 32.84 1.34 3.08
N GLN D 125 32.50 2.62 3.15
CA GLN D 125 32.18 3.25 4.43
C GLN D 125 30.93 2.63 5.05
N ASP D 126 29.94 2.37 4.21
CA ASP D 126 28.70 1.70 4.65
C ASP D 126 29.03 0.33 5.24
N ILE D 127 29.82 -0.43 4.49
CA ILE D 127 30.20 -1.76 4.91
C ILE D 127 30.94 -1.69 6.24
N GLN D 128 31.78 -0.68 6.42
CA GLN D 128 32.52 -0.55 7.66
C GLN D 128 31.58 -0.27 8.84
N ALA D 129 30.59 0.59 8.63
CA ALA D 129 29.65 0.90 9.71
C ALA D 129 28.92 -0.35 10.13
N PHE D 130 28.54 -1.17 9.16
CA PHE D 130 27.86 -2.42 9.47
C PHE D 130 28.78 -3.29 10.29
N ARG D 131 30.05 -3.34 9.89
CA ARG D 131 31.01 -4.14 10.64
C ARG D 131 31.10 -3.63 12.07
N GLU D 132 31.07 -2.30 12.24
CA GLU D 132 31.17 -1.71 13.56
C GLU D 132 29.93 -2.03 14.38
N LEU D 133 28.77 -2.02 13.74
CA LEU D 133 27.53 -2.34 14.41
C LEU D 133 27.54 -3.80 14.89
N ASP D 134 28.07 -4.68 14.06
CA ASP D 134 28.17 -6.09 14.39
C ASP D 134 29.11 -6.31 15.58
N LYS D 135 30.20 -5.55 15.62
CA LYS D 135 31.16 -5.64 16.72
C LYS D 135 30.52 -5.27 18.06
N LEU D 136 29.56 -4.35 18.03
CA LEU D 136 28.88 -3.89 19.24
C LEU D 136 27.70 -4.79 19.61
N GLY D 137 27.48 -5.85 18.83
CA GLY D 137 26.44 -6.81 19.15
C GLY D 137 25.10 -6.59 18.48
N VAL D 138 25.02 -5.64 17.55
CA VAL D 138 23.78 -5.38 16.85
C VAL D 138 23.59 -6.44 15.78
N LYS D 139 22.44 -7.11 15.82
CA LYS D 139 22.14 -8.14 14.84
C LYS D 139 21.65 -7.44 13.57
N LEU D 140 22.16 -7.89 12.42
CA LEU D 140 21.87 -7.25 11.15
C LEU D 140 20.96 -8.15 10.32
N ASP D 141 19.73 -7.68 10.14
CA ASP D 141 18.64 -8.43 9.52
C ASP D 141 18.20 -7.81 8.20
N LEU D 142 18.68 -8.39 7.10
CA LEU D 142 18.35 -7.88 5.79
C LEU D 142 17.07 -8.47 5.24
N ARG D 143 16.01 -7.66 5.21
CA ARG D 143 14.77 -8.03 4.50
C ARG D 143 13.99 -6.80 4.10
N VAL D 144 13.66 -6.76 2.81
CA VAL D 144 12.93 -5.67 2.22
C VAL D 144 11.52 -5.65 2.80
N VAL D 145 10.86 -6.80 2.77
CA VAL D 145 9.53 -6.93 3.35
C VAL D 145 9.55 -7.98 4.46
N ALA D 146 8.63 -7.83 5.41
CA ALA D 146 8.57 -8.70 6.60
C ALA D 146 8.49 -10.20 6.31
N SER D 147 7.76 -10.58 5.28
CA SER D 147 7.63 -12.00 4.96
C SER D 147 8.87 -12.60 4.30
N ASP D 148 9.85 -11.78 3.94
CA ASP D 148 11.06 -12.32 3.33
C ASP D 148 11.90 -13.06 4.36
N PRO D 149 12.66 -14.05 3.91
CA PRO D 149 13.60 -14.74 4.80
C PRO D 149 14.66 -13.74 5.23
N SER D 150 15.04 -13.76 6.50
CA SER D 150 16.06 -12.86 6.98
C SER D 150 17.40 -13.30 6.41
N VAL D 151 18.25 -12.32 6.10
CA VAL D 151 19.58 -12.58 5.57
C VAL D 151 20.58 -11.77 6.39
N ASN D 152 21.66 -12.40 6.83
CA ASN D 152 22.72 -11.69 7.54
C ASN D 152 23.52 -10.89 6.52
N ILE D 153 23.42 -9.56 6.57
CA ILE D 153 24.05 -8.71 5.56
C ILE D 153 25.56 -8.88 5.46
N LEU D 154 26.23 -9.10 6.60
CA LEU D 154 27.67 -9.30 6.58
C LEU D 154 28.01 -10.60 5.86
N ASP D 155 27.24 -11.65 6.11
CA ASP D 155 27.48 -12.90 5.40
C ASP D 155 27.35 -12.63 3.91
N LYS D 156 26.32 -11.86 3.55
CA LYS D 156 26.06 -11.53 2.15
C LYS D 156 27.20 -10.72 1.56
N ILE D 157 27.71 -9.76 2.31
CA ILE D 157 28.85 -8.96 1.85
C ILE D 157 30.09 -9.83 1.71
N ASN D 158 30.35 -10.65 2.72
CA ASN D 158 31.52 -11.54 2.70
C ASN D 158 31.45 -12.60 1.60
N GLU D 159 30.27 -12.88 1.08
CA GLU D 159 30.13 -13.86 0.01
C GLU D 159 30.97 -13.49 -1.21
N THR D 160 31.21 -12.19 -1.43
CA THR D 160 31.98 -11.72 -2.58
C THR D 160 33.22 -10.90 -2.24
N ALA D 161 33.44 -10.59 -0.96
CA ALA D 161 34.56 -9.75 -0.54
C ALA D 161 35.50 -10.49 0.39
N PHE D 162 36.60 -9.82 0.79
CA PHE D 162 37.65 -10.45 1.60
C PHE D 162 37.94 -9.81 2.97
N CYS D 163 37.19 -10.25 3.98
CA CYS D 163 37.44 -9.82 5.38
C CYS D 163 36.67 -10.73 6.33
S SO4 E . -14.83 -10.32 1.97
O1 SO4 E . -14.37 -9.18 2.75
O2 SO4 E . -16.00 -10.87 2.64
O3 SO4 E . -13.78 -11.34 1.94
O4 SO4 E . -15.13 -9.86 0.63
S SO4 F . -18.72 -1.57 6.52
O1 SO4 F . -17.56 -2.12 5.87
O2 SO4 F . -19.84 -1.91 5.67
O3 SO4 F . -18.57 -0.11 6.57
O4 SO4 F . -18.73 -2.13 7.86
S SO4 G . 11.94 9.16 -2.56
O1 SO4 G . 13.28 8.90 -3.06
O2 SO4 G . 10.99 8.25 -3.20
O3 SO4 G . 11.57 10.55 -2.84
O4 SO4 G . 11.94 8.92 -1.11
S SO4 H . 17.31 1.25 -6.35
O1 SO4 H . 17.28 2.48 -5.57
O2 SO4 H . 16.23 0.39 -5.88
O3 SO4 H . 18.58 0.57 -6.19
O4 SO4 H . 17.09 1.57 -7.75
#